data_6YRE
#
_entry.id   6YRE
#
_cell.length_a   147.790
_cell.length_b   171.440
_cell.length_c   100.450
_cell.angle_alpha   90.000
_cell.angle_beta   90.000
_cell.angle_gamma   90.000
#
_symmetry.space_group_name_H-M   'C 2 2 21'
#
loop_
_entity.id
_entity.type
_entity.pdbx_description
1 polymer 'Probable transaldolase'
2 non-polymer GLYCEROL
3 non-polymer 'ACETATE ION'
4 water water
#
_entity_poly.entity_id   1
_entity_poly.type   'polypeptide(L)'
_entity_poly.pdbx_seq_one_letter_code
;MKIFLDTANIDEIRTGVNWGIVDGVTTNPCLISKEAVNGKKYGDIIREILKIVDGPVSVEVVSTKYEGMVEEARKIHGLG
DNAVVKIPMTEDGLRAIKTLSSEHINTNCTLVFNPIQALLAAKAGVTYVSPFVGRLDDIGEDGMQIIDMIRTIFNNYIIK
TQILVASIRNPIHVLRSAVIGADVVTVPFNVLKSLMKHPKTDEGLAKFLECWKKVSPDGKLIL
;
_entity_poly.pdbx_strand_id   A,B,C,D,E
#
loop_
_chem_comp.id
_chem_comp.type
_chem_comp.name
_chem_comp.formula
ACT non-polymer 'ACETATE ION' 'C2 H3 O2 -1'
GOL non-polymer GLYCEROL 'C3 H8 O3'
#
# COMPACT_ATOMS: atom_id res chain seq x y z
N MET A 1 -8.10 1.39 19.11
CA MET A 1 -9.53 1.11 19.13
C MET A 1 -10.08 1.51 20.48
N LYS A 2 -11.12 2.34 20.50
CA LYS A 2 -11.78 2.65 21.77
C LYS A 2 -12.70 1.49 22.15
N ILE A 3 -12.88 1.33 23.45
CA ILE A 3 -13.75 0.28 24.00
C ILE A 3 -14.81 0.95 24.87
N PHE A 4 -16.06 0.89 24.43
CA PHE A 4 -17.20 1.36 25.20
C PHE A 4 -17.90 0.17 25.86
N LEU A 5 -18.63 0.47 26.94
CA LEU A 5 -19.47 -0.51 27.62
C LEU A 5 -20.91 -0.35 27.14
N ASP A 6 -21.55 -1.46 26.79
CA ASP A 6 -22.91 -1.46 26.23
C ASP A 6 -23.88 -1.92 27.33
N THR A 7 -24.21 -1.00 28.22
CA THR A 7 -25.04 -1.33 29.35
C THR A 7 -25.55 -0.04 29.97
N ALA A 8 -26.61 -0.17 30.77
CA ALA A 8 -27.06 0.88 31.66
C ALA A 8 -26.91 0.49 33.13
N ASN A 9 -26.32 -0.67 33.39
CA ASN A 9 -26.10 -1.11 34.76
C ASN A 9 -24.98 -0.27 35.38
N ILE A 10 -25.32 0.50 36.41
CA ILE A 10 -24.38 1.47 36.96
C ILE A 10 -23.20 0.76 37.64
N ASP A 11 -23.45 -0.39 38.28
CA ASP A 11 -22.36 -1.11 38.92
C ASP A 11 -21.39 -1.66 37.90
N GLU A 12 -21.90 -2.22 36.81
CA GLU A 12 -21.05 -2.65 35.72
C GLU A 12 -20.20 -1.49 35.22
N ILE A 13 -20.82 -0.34 35.01
CA ILE A 13 -20.10 0.82 34.48
C ILE A 13 -19.01 1.24 35.45
N ARG A 14 -19.36 1.45 36.72
CA ARG A 14 -18.37 1.85 37.72
C ARG A 14 -17.24 0.84 37.82
N THR A 15 -17.57 -0.46 37.79
CA THR A 15 -16.53 -1.48 37.85
C THR A 15 -15.58 -1.37 36.66
N GLY A 16 -16.13 -1.22 35.45
CA GLY A 16 -15.27 -1.18 34.28
C GLY A 16 -14.52 0.12 34.14
N VAL A 17 -15.13 1.23 34.54
CA VAL A 17 -14.42 2.50 34.59
C VAL A 17 -13.22 2.40 35.53
N ASN A 18 -13.46 1.88 36.73
CA ASN A 18 -12.37 1.70 37.69
C ASN A 18 -11.22 0.88 37.12
N TRP A 19 -11.50 -0.01 36.16
CA TRP A 19 -10.43 -0.79 35.53
C TRP A 19 -9.56 0.05 34.60
N GLY A 20 -10.07 1.18 34.12
CA GLY A 20 -9.29 2.05 33.25
C GLY A 20 -9.30 1.68 31.79
N ILE A 21 -10.09 0.68 31.39
CA ILE A 21 -10.12 0.21 30.01
C ILE A 21 -11.44 0.56 29.33
N VAL A 22 -12.29 1.34 29.97
CA VAL A 22 -13.59 1.73 29.43
C VAL A 22 -13.49 3.18 28.97
N ASP A 23 -13.70 3.41 27.67
CA ASP A 23 -13.57 4.75 27.12
C ASP A 23 -14.90 5.47 26.95
N GLY A 24 -16.03 4.78 27.10
CA GLY A 24 -17.32 5.40 26.93
C GLY A 24 -18.41 4.39 27.16
N VAL A 25 -19.66 4.83 27.01
CA VAL A 25 -20.80 3.96 27.26
C VAL A 25 -21.84 4.16 26.16
N THR A 26 -22.48 3.07 25.75
CA THR A 26 -23.64 3.14 24.89
C THR A 26 -24.84 2.55 25.64
N THR A 27 -25.96 3.25 25.57
CA THR A 27 -27.23 2.79 26.12
C THR A 27 -28.28 2.76 25.01
N ASN A 28 -29.39 2.09 25.31
CA ASN A 28 -30.54 2.10 24.42
C ASN A 28 -31.78 1.89 25.30
N PRO A 29 -32.98 2.16 24.77
CA PRO A 29 -34.17 2.10 25.64
C PRO A 29 -34.36 0.75 26.29
N CYS A 30 -33.92 -0.33 25.64
CA CYS A 30 -34.06 -1.67 26.23
C CYS A 30 -33.06 -1.88 27.36
N LEU A 31 -31.82 -1.37 27.21
CA LEU A 31 -30.88 -1.44 28.32
C LEU A 31 -31.33 -0.60 29.50
N ILE A 32 -31.97 0.54 29.24
CA ILE A 32 -32.41 1.41 30.34
C ILE A 32 -33.59 0.79 31.08
N SER A 33 -34.55 0.23 30.35
CA SER A 33 -35.74 -0.35 30.99
C SER A 33 -35.39 -1.52 31.89
N LYS A 34 -34.30 -2.23 31.60
CA LYS A 34 -33.85 -3.33 32.45
C LYS A 34 -33.37 -2.82 33.81
N GLU A 35 -32.86 -1.58 33.86
CA GLU A 35 -32.38 -1.00 35.10
C GLU A 35 -33.39 -0.09 35.80
N ALA A 36 -34.41 0.39 35.09
CA ALA A 36 -35.40 1.30 35.66
C ALA A 36 -36.53 0.53 36.34
N VAL A 37 -36.16 -0.24 37.38
CA VAL A 37 -37.13 -1.08 38.09
C VAL A 37 -36.98 -0.85 39.58
N ASN A 38 -38.04 -1.20 40.31
CA ASN A 38 -38.10 -1.05 41.77
C ASN A 38 -37.93 0.41 42.19
N GLY A 39 -38.53 1.32 41.43
CA GLY A 39 -38.50 2.74 41.74
C GLY A 39 -37.49 3.55 40.94
N LYS A 40 -36.45 2.91 40.41
CA LYS A 40 -35.46 3.62 39.63
C LYS A 40 -36.10 4.18 38.35
N LYS A 41 -35.68 5.39 37.98
CA LYS A 41 -36.28 6.11 36.87
C LYS A 41 -35.29 6.27 35.72
N TYR A 42 -35.82 6.30 34.49
CA TYR A 42 -34.93 6.37 33.33
C TYR A 42 -34.12 7.66 33.31
N GLY A 43 -34.66 8.75 33.86
CA GLY A 43 -33.95 10.01 33.83
C GLY A 43 -32.77 10.07 34.77
N ASP A 44 -32.89 9.42 35.94
CA ASP A 44 -31.77 9.38 36.88
C ASP A 44 -30.67 8.46 36.40
N ILE A 45 -31.03 7.33 35.80
CA ILE A 45 -30.04 6.38 35.29
C ILE A 45 -29.12 7.06 34.27
N ILE A 46 -29.72 7.81 33.34
CA ILE A 46 -28.93 8.51 32.32
C ILE A 46 -28.02 9.54 32.95
N ARG A 47 -28.56 10.31 33.91
CA ARG A 47 -27.79 11.37 34.54
C ARG A 47 -26.61 10.83 35.33
N GLU A 48 -26.79 9.68 35.97
CA GLU A 48 -25.69 9.12 36.75
C GLU A 48 -24.58 8.59 35.85
N ILE A 49 -24.95 7.93 34.76
CA ILE A 49 -23.94 7.43 33.83
C ILE A 49 -23.10 8.60 33.31
N LEU A 50 -23.77 9.68 32.87
CA LEU A 50 -23.09 10.86 32.36
C LEU A 50 -22.10 11.43 33.36
N LYS A 51 -22.45 11.37 34.65
CA LYS A 51 -21.55 11.91 35.66
C LYS A 51 -20.33 11.03 35.84
N ILE A 52 -20.50 9.71 35.85
CA ILE A 52 -19.39 8.81 36.16
C ILE A 52 -18.47 8.57 34.96
N VAL A 53 -18.95 8.73 33.73
CA VAL A 53 -18.18 8.37 32.55
C VAL A 53 -17.56 9.62 31.95
N ASP A 54 -16.21 9.68 31.93
CA ASP A 54 -15.54 10.81 31.31
C ASP A 54 -15.74 10.86 29.80
N GLY A 55 -16.00 9.72 29.15
CA GLY A 55 -16.03 9.64 27.71
C GLY A 55 -17.43 9.71 27.12
N PRO A 56 -17.53 9.50 25.80
CA PRO A 56 -18.84 9.58 25.14
C PRO A 56 -19.86 8.65 25.78
N VAL A 57 -21.08 9.15 25.93
CA VAL A 57 -22.21 8.38 26.44
C VAL A 57 -23.36 8.54 25.45
N SER A 58 -23.76 7.45 24.81
CA SER A 58 -24.80 7.49 23.79
C SER A 58 -26.16 7.27 24.44
N VAL A 59 -27.10 8.15 24.11
CA VAL A 59 -28.46 8.16 24.65
C VAL A 59 -29.43 8.20 23.47
N GLU A 60 -30.37 7.26 23.44
CA GLU A 60 -31.22 7.07 22.28
C GLU A 60 -32.45 7.96 22.39
N VAL A 61 -32.80 8.63 21.29
CA VAL A 61 -34.06 9.37 21.26
C VAL A 61 -35.20 8.37 21.19
N VAL A 62 -36.36 8.77 21.69
CA VAL A 62 -37.54 7.92 21.64
C VAL A 62 -38.56 8.38 20.63
N SER A 63 -38.48 9.61 20.13
CA SER A 63 -39.37 10.03 19.06
C SER A 63 -38.96 9.39 17.75
N THR A 64 -39.95 9.20 16.87
CA THR A 64 -39.73 8.60 15.56
C THR A 64 -39.79 9.62 14.43
N LYS A 65 -40.17 10.87 14.70
CA LYS A 65 -40.33 11.88 13.68
C LYS A 65 -39.23 12.93 13.81
N TYR A 66 -38.87 13.52 12.66
CA TYR A 66 -37.80 14.52 12.58
C TYR A 66 -37.87 15.56 13.71
N GLU A 67 -39.03 16.22 13.84
N GLU A 67 -39.03 16.21 13.86
CA GLU A 67 -39.15 17.34 14.77
CA GLU A 67 -39.09 17.35 14.78
C GLU A 67 -38.96 16.89 16.21
C GLU A 67 -38.98 16.91 16.23
N GLY A 68 -39.65 15.82 16.61
CA GLY A 68 -39.48 15.31 17.96
C GLY A 68 -38.06 14.83 18.23
N MET A 69 -37.42 14.22 17.21
CA MET A 69 -36.05 13.73 17.38
C MET A 69 -35.08 14.88 17.62
N VAL A 70 -35.27 15.97 16.90
CA VAL A 70 -34.35 17.09 17.03
C VAL A 70 -34.57 17.81 18.35
N GLU A 71 -35.82 17.88 18.80
CA GLU A 71 -36.12 18.49 20.10
C GLU A 71 -35.49 17.69 21.23
N GLU A 72 -35.72 16.37 21.24
CA GLU A 72 -35.09 15.49 22.21
C GLU A 72 -33.57 15.61 22.18
N ALA A 73 -32.99 15.59 20.98
CA ALA A 73 -31.54 15.58 20.86
C ALA A 73 -30.93 16.79 21.57
N ARG A 74 -31.54 17.95 21.41
CA ARG A 74 -30.99 19.15 22.03
C ARG A 74 -31.08 19.08 23.54
N LYS A 75 -32.13 18.44 24.07
CA LYS A 75 -32.24 18.28 25.52
C LYS A 75 -31.24 17.25 26.02
N ILE A 76 -31.11 16.13 25.32
CA ILE A 76 -30.07 15.15 25.64
C ILE A 76 -28.70 15.82 25.63
N HIS A 77 -28.43 16.60 24.58
CA HIS A 77 -27.18 17.35 24.50
C HIS A 77 -26.97 18.21 25.74
N GLY A 78 -28.03 18.86 26.22
CA GLY A 78 -27.93 19.72 27.38
C GLY A 78 -27.61 19.01 28.66
N LEU A 79 -27.73 17.68 28.70
CA LEU A 79 -27.43 16.95 29.92
C LEU A 79 -25.93 16.91 30.22
N GLY A 80 -25.08 17.13 29.21
CA GLY A 80 -23.66 17.11 29.42
C GLY A 80 -22.90 17.13 28.12
N ASP A 81 -21.67 17.67 28.14
CA ASP A 81 -20.92 17.76 26.89
C ASP A 81 -20.53 16.39 26.35
N ASN A 82 -20.48 15.35 27.19
CA ASN A 82 -20.11 14.01 26.77
C ASN A 82 -21.29 13.19 26.23
N ALA A 83 -22.50 13.74 26.22
CA ALA A 83 -23.65 13.01 25.69
C ALA A 83 -23.61 12.97 24.16
N VAL A 84 -23.94 11.81 23.60
CA VAL A 84 -24.00 11.59 22.16
C VAL A 84 -25.43 11.17 21.84
N VAL A 85 -26.05 11.83 20.88
CA VAL A 85 -27.45 11.56 20.58
C VAL A 85 -27.54 10.37 19.64
N LYS A 86 -28.15 9.28 20.10
CA LYS A 86 -28.29 8.07 19.30
C LYS A 86 -29.59 8.12 18.52
N ILE A 87 -29.50 7.88 17.21
CA ILE A 87 -30.62 8.08 16.30
C ILE A 87 -30.68 6.89 15.34
N PRO A 88 -31.85 6.29 15.10
CA PRO A 88 -31.89 5.08 14.27
C PRO A 88 -31.81 5.42 12.79
N MET A 89 -31.37 4.42 12.01
CA MET A 89 -31.24 4.54 10.56
C MET A 89 -32.61 4.55 9.90
N THR A 90 -33.21 5.74 9.83
CA THR A 90 -34.47 5.96 9.14
C THR A 90 -34.39 7.27 8.38
N GLU A 91 -35.35 7.49 7.51
CA GLU A 91 -35.38 8.73 6.74
C GLU A 91 -35.45 9.93 7.67
N ASP A 92 -36.38 9.91 8.62
N ASP A 92 -36.37 9.90 8.63
CA ASP A 92 -36.45 10.96 9.63
CA ASP A 92 -36.43 10.98 9.62
C ASP A 92 -35.14 11.04 10.41
C ASP A 92 -35.15 11.05 10.45
N GLY A 93 -34.54 9.89 10.72
CA GLY A 93 -33.32 9.91 11.50
C GLY A 93 -32.13 10.49 10.76
N LEU A 94 -32.02 10.23 9.45
CA LEU A 94 -30.98 10.88 8.65
C LEU A 94 -31.19 12.38 8.59
N ARG A 95 -32.44 12.83 8.43
CA ARG A 95 -32.72 14.26 8.46
C ARG A 95 -32.31 14.86 9.80
N ALA A 96 -32.70 14.22 10.90
CA ALA A 96 -32.32 14.74 12.21
C ALA A 96 -30.81 14.81 12.35
N ILE A 97 -30.11 13.79 11.88
CA ILE A 97 -28.65 13.76 12.02
C ILE A 97 -28.00 14.93 11.29
N LYS A 98 -28.47 15.22 10.08
CA LYS A 98 -27.91 16.33 9.32
C LYS A 98 -28.11 17.66 10.04
N THR A 99 -29.32 17.89 10.54
CA THR A 99 -29.58 19.13 11.28
C THR A 99 -28.68 19.24 12.49
N LEU A 100 -28.54 18.15 13.24
CA LEU A 100 -27.79 18.19 14.49
C LEU A 100 -26.29 18.33 14.24
N SER A 101 -25.77 17.64 13.23
N SER A 101 -25.77 17.65 13.23
CA SER A 101 -24.36 17.82 12.89
CA SER A 101 -24.36 17.82 12.89
C SER A 101 -24.08 19.28 12.55
C SER A 101 -24.07 19.28 12.51
N SER A 102 -24.99 19.93 11.80
CA SER A 102 -24.82 21.35 11.50
C SER A 102 -24.88 22.21 12.75
N GLU A 103 -25.53 21.73 13.81
CA GLU A 103 -25.56 22.42 15.09
C GLU A 103 -24.42 21.97 16.01
N HIS A 104 -23.48 21.18 15.49
CA HIS A 104 -22.32 20.71 16.26
C HIS A 104 -22.74 19.89 17.48
N ILE A 105 -23.75 19.06 17.30
CA ILE A 105 -24.22 18.13 18.31
C ILE A 105 -23.83 16.72 17.87
N ASN A 106 -23.06 16.03 18.71
CA ASN A 106 -22.53 14.71 18.35
C ASN A 106 -23.64 13.67 18.29
N THR A 107 -23.58 12.82 17.25
CA THR A 107 -24.63 11.87 16.98
C THR A 107 -24.04 10.47 16.76
N ASN A 108 -24.89 9.47 16.91
CA ASN A 108 -24.53 8.07 16.74
C ASN A 108 -25.71 7.41 16.08
N CYS A 109 -25.52 6.85 14.88
CA CYS A 109 -26.61 6.27 14.12
C CYS A 109 -26.63 4.76 14.33
N THR A 110 -27.73 4.26 14.87
CA THR A 110 -27.80 2.88 15.31
C THR A 110 -28.74 2.08 14.40
N LEU A 111 -28.84 0.78 14.68
CA LEU A 111 -29.67 -0.13 13.90
C LEU A 111 -29.26 -0.13 12.43
N VAL A 112 -27.94 -0.14 12.20
CA VAL A 112 -27.35 -0.23 10.87
C VAL A 112 -27.01 -1.68 10.62
N PHE A 113 -27.41 -2.20 9.46
CA PHE A 113 -27.21 -3.62 9.16
C PHE A 113 -26.50 -3.92 7.86
N ASN A 114 -26.21 -2.92 7.02
CA ASN A 114 -25.43 -3.19 5.83
C ASN A 114 -24.47 -2.02 5.61
N PRO A 115 -23.50 -2.13 4.70
CA PRO A 115 -22.55 -1.02 4.55
C PRO A 115 -23.13 0.22 3.91
N ILE A 116 -24.17 0.10 3.08
CA ILE A 116 -24.72 1.29 2.42
C ILE A 116 -25.51 2.15 3.41
N GLN A 117 -26.22 1.51 4.34
CA GLN A 117 -26.82 2.26 5.44
C GLN A 117 -25.77 3.05 6.20
N ALA A 118 -24.64 2.42 6.51
CA ALA A 118 -23.56 3.13 7.21
C ALA A 118 -23.06 4.30 6.38
N LEU A 119 -22.94 4.12 5.06
CA LEU A 119 -22.48 5.22 4.22
C LEU A 119 -23.47 6.38 4.25
N LEU A 120 -24.77 6.07 4.20
CA LEU A 120 -25.78 7.12 4.23
C LEU A 120 -25.76 7.88 5.55
N ALA A 121 -25.52 7.17 6.66
CA ALA A 121 -25.36 7.85 7.95
C ALA A 121 -24.15 8.76 7.95
N ALA A 122 -23.03 8.29 7.40
CA ALA A 122 -21.84 9.13 7.28
C ALA A 122 -22.11 10.36 6.40
N LYS A 123 -22.82 10.17 5.29
CA LYS A 123 -23.09 11.32 4.43
C LYS A 123 -23.95 12.37 5.13
N ALA A 124 -24.72 12.00 6.15
CA ALA A 124 -25.47 12.99 6.90
C ALA A 124 -24.63 13.69 7.96
N GLY A 125 -23.39 13.27 8.16
CA GLY A 125 -22.51 13.89 9.13
C GLY A 125 -22.48 13.23 10.50
N VAL A 126 -22.93 11.98 10.60
CA VAL A 126 -23.00 11.34 11.91
C VAL A 126 -21.60 11.13 12.49
N THR A 127 -21.47 11.34 13.82
CA THR A 127 -20.18 11.16 14.47
C THR A 127 -19.81 9.69 14.56
N TYR A 128 -20.78 8.83 14.89
CA TYR A 128 -20.58 7.40 15.00
C TYR A 128 -21.68 6.70 14.21
N VAL A 129 -21.34 5.53 13.67
CA VAL A 129 -22.32 4.59 13.12
C VAL A 129 -22.15 3.25 13.82
N SER A 130 -23.27 2.61 14.17
CA SER A 130 -23.26 1.38 14.96
C SER A 130 -23.89 0.23 14.19
N PRO A 131 -23.12 -0.49 13.37
CA PRO A 131 -23.63 -1.74 12.80
C PRO A 131 -23.73 -2.83 13.85
N PHE A 132 -24.76 -3.67 13.74
CA PHE A 132 -25.12 -4.65 14.77
C PHE A 132 -24.64 -6.04 14.31
N VAL A 133 -23.45 -6.45 14.75
CA VAL A 133 -22.87 -7.69 14.21
C VAL A 133 -23.63 -8.92 14.70
N GLY A 134 -23.95 -8.96 16.01
CA GLY A 134 -24.55 -10.15 16.58
C GLY A 134 -25.93 -10.45 16.03
N ARG A 135 -26.71 -9.41 15.75
CA ARG A 135 -28.02 -9.64 15.17
C ARG A 135 -27.92 -10.15 13.74
N LEU A 136 -26.84 -9.81 13.04
CA LEU A 136 -26.58 -10.43 11.74
C LEU A 136 -26.18 -11.89 11.91
N ASP A 137 -25.30 -12.18 12.88
CA ASP A 137 -24.99 -13.57 13.21
C ASP A 137 -26.28 -14.35 13.47
N ASP A 138 -27.22 -13.73 14.20
CA ASP A 138 -28.44 -14.44 14.58
C ASP A 138 -29.21 -14.96 13.38
N ILE A 139 -29.13 -14.26 12.26
CA ILE A 139 -29.88 -14.64 11.07
C ILE A 139 -28.99 -15.30 10.01
N GLY A 140 -27.84 -15.81 10.41
CA GLY A 140 -27.09 -16.69 9.55
C GLY A 140 -26.15 -16.02 8.58
N GLU A 141 -25.77 -14.77 8.86
CA GLU A 141 -24.86 -13.98 8.04
C GLU A 141 -23.72 -13.52 8.95
N ASP A 142 -22.48 -13.73 8.53
CA ASP A 142 -21.33 -13.35 9.36
C ASP A 142 -21.29 -11.83 9.48
N GLY A 143 -21.68 -11.33 10.65
CA GLY A 143 -21.86 -9.89 10.82
C GLY A 143 -20.59 -9.09 10.66
N MET A 144 -19.44 -9.68 10.97
CA MET A 144 -18.17 -8.96 10.87
C MET A 144 -17.81 -8.59 9.44
N GLN A 145 -18.31 -9.33 8.45
N GLN A 145 -18.32 -9.33 8.45
CA GLN A 145 -18.04 -8.98 7.05
CA GLN A 145 -18.06 -8.97 7.05
C GLN A 145 -18.59 -7.60 6.71
C GLN A 145 -18.59 -7.58 6.73
N ILE A 146 -19.69 -7.18 7.35
CA ILE A 146 -20.17 -5.83 7.07
C ILE A 146 -19.24 -4.78 7.67
N ILE A 147 -18.65 -5.06 8.83
CA ILE A 147 -17.65 -4.15 9.39
C ILE A 147 -16.48 -3.98 8.43
N ASP A 148 -15.99 -5.11 7.91
CA ASP A 148 -14.88 -5.06 6.98
C ASP A 148 -15.19 -4.16 5.78
N MET A 149 -16.39 -4.29 5.20
CA MET A 149 -16.74 -3.47 4.04
C MET A 149 -16.88 -2.00 4.40
N ILE A 150 -17.58 -1.70 5.50
CA ILE A 150 -17.70 -0.32 5.95
C ILE A 150 -16.32 0.29 6.16
N ARG A 151 -15.37 -0.47 6.74
CA ARG A 151 -14.02 0.04 6.93
C ARG A 151 -13.36 0.39 5.58
N THR A 152 -13.55 -0.46 4.57
CA THR A 152 -12.99 -0.18 3.26
C THR A 152 -13.67 1.04 2.62
N ILE A 153 -14.99 1.10 2.68
CA ILE A 153 -15.74 2.24 2.12
C ILE A 153 -15.30 3.54 2.78
N PHE A 154 -15.24 3.55 4.12
CA PHE A 154 -14.85 4.75 4.83
C PHE A 154 -13.43 5.17 4.47
N ASN A 155 -12.52 4.19 4.36
CA ASN A 155 -11.16 4.52 3.95
C ASN A 155 -11.12 5.07 2.53
N ASN A 156 -11.97 4.55 1.63
CA ASN A 156 -11.96 5.03 0.25
C ASN A 156 -12.27 6.52 0.18
N TYR A 157 -13.22 6.99 1.00
CA TYR A 157 -13.68 8.36 0.91
C TYR A 157 -13.17 9.23 2.05
N ILE A 158 -12.16 8.77 2.78
CA ILE A 158 -11.61 9.47 3.94
C ILE A 158 -12.74 9.92 4.85
N ILE A 159 -13.64 9.01 5.20
CA ILE A 159 -14.80 9.37 6.01
C ILE A 159 -14.39 9.45 7.49
N LYS A 160 -14.86 10.49 8.17
CA LYS A 160 -14.49 10.77 9.55
C LYS A 160 -15.46 10.17 10.57
N THR A 161 -16.62 9.72 10.12
CA THR A 161 -17.52 8.99 11.01
C THR A 161 -16.79 7.78 11.56
N GLN A 162 -16.88 7.57 12.85
CA GLN A 162 -16.21 6.45 13.49
C GLN A 162 -17.11 5.22 13.44
N ILE A 163 -16.51 4.08 13.11
CA ILE A 163 -17.23 2.81 13.09
C ILE A 163 -17.30 2.26 14.52
N LEU A 164 -18.52 2.10 15.03
CA LEU A 164 -18.74 1.66 16.39
C LEU A 164 -19.40 0.28 16.29
N VAL A 165 -18.59 -0.78 16.40
CA VAL A 165 -19.15 -2.13 16.30
C VAL A 165 -20.05 -2.39 17.50
N ALA A 166 -21.31 -2.65 17.25
CA ALA A 166 -22.31 -2.87 18.30
C ALA A 166 -22.86 -4.28 18.18
N SER A 167 -23.74 -4.63 19.12
CA SER A 167 -24.33 -5.97 19.21
C SER A 167 -23.23 -7.04 19.27
N ILE A 168 -22.28 -6.84 20.17
CA ILE A 168 -21.11 -7.70 20.28
C ILE A 168 -21.40 -8.80 21.28
N ARG A 169 -21.06 -10.05 20.92
CA ARG A 169 -21.47 -11.22 21.68
C ARG A 169 -20.32 -12.02 22.27
N ASN A 170 -19.11 -11.88 21.75
CA ASN A 170 -18.01 -12.76 22.13
C ASN A 170 -16.71 -12.05 21.83
N PRO A 171 -15.59 -12.52 22.41
CA PRO A 171 -14.31 -11.80 22.25
C PRO A 171 -13.76 -11.83 20.83
N ILE A 172 -14.24 -12.73 19.97
CA ILE A 172 -13.76 -12.78 18.59
C ILE A 172 -14.35 -11.64 17.78
N HIS A 173 -15.61 -11.25 18.05
CA HIS A 173 -16.11 -9.99 17.50
C HIS A 173 -15.12 -8.87 17.77
N VAL A 174 -14.60 -8.81 19.01
CA VAL A 174 -13.66 -7.77 19.40
C VAL A 174 -12.35 -7.92 18.63
N LEU A 175 -11.79 -9.13 18.61
CA LEU A 175 -10.53 -9.36 17.92
C LEU A 175 -10.63 -9.00 16.44
N ARG A 176 -11.69 -9.45 15.76
CA ARG A 176 -11.83 -9.15 14.34
C ARG A 176 -12.04 -7.67 14.11
N SER A 177 -12.76 -6.99 15.02
CA SER A 177 -12.91 -5.54 14.88
C SER A 177 -11.55 -4.85 14.92
N ALA A 178 -10.69 -5.26 15.85
CA ALA A 178 -9.37 -4.67 15.97
C ALA A 178 -8.51 -4.97 14.73
N VAL A 179 -8.58 -6.20 14.21
CA VAL A 179 -7.79 -6.53 13.03
C VAL A 179 -8.29 -5.75 11.81
N ILE A 180 -9.61 -5.63 11.67
CA ILE A 180 -10.19 -4.85 10.58
C ILE A 180 -9.80 -3.38 10.73
N GLY A 181 -9.75 -2.88 11.96
CA GLY A 181 -9.48 -1.49 12.20
C GLY A 181 -10.68 -0.63 12.52
N ALA A 182 -11.76 -1.21 13.04
CA ALA A 182 -12.89 -0.40 13.45
C ALA A 182 -12.47 0.56 14.57
N ASP A 183 -13.10 1.73 14.59
CA ASP A 183 -12.67 2.78 15.52
C ASP A 183 -13.05 2.44 16.95
N VAL A 184 -14.21 1.83 17.15
CA VAL A 184 -14.76 1.59 18.49
C VAL A 184 -15.47 0.23 18.48
N VAL A 185 -15.40 -0.44 19.62
CA VAL A 185 -16.31 -1.54 19.93
C VAL A 185 -17.07 -1.16 21.18
N THR A 186 -18.32 -1.58 21.26
CA THR A 186 -19.09 -1.49 22.49
C THR A 186 -19.50 -2.91 22.88
N VAL A 187 -19.22 -3.27 24.13
CA VAL A 187 -19.30 -4.65 24.58
C VAL A 187 -20.15 -4.75 25.84
N PRO A 188 -20.91 -5.83 26.01
CA PRO A 188 -21.49 -6.12 27.32
C PRO A 188 -20.39 -6.37 28.34
N PHE A 189 -20.74 -6.16 29.62
CA PHE A 189 -19.77 -6.30 30.70
C PHE A 189 -19.17 -7.69 30.77
N ASN A 190 -20.00 -8.73 30.57
CA ASN A 190 -19.48 -10.09 30.56
C ASN A 190 -18.42 -10.29 29.49
N VAL A 191 -18.59 -9.66 28.31
CA VAL A 191 -17.52 -9.74 27.31
C VAL A 191 -16.31 -8.95 27.77
N LEU A 192 -16.54 -7.74 28.28
CA LEU A 192 -15.45 -6.87 28.71
C LEU A 192 -14.51 -7.56 29.70
N LYS A 193 -15.04 -8.24 30.70
CA LYS A 193 -14.14 -8.82 31.70
C LYS A 193 -13.38 -10.01 31.17
N SER A 194 -13.92 -10.72 30.17
CA SER A 194 -13.20 -11.86 29.62
C SER A 194 -11.96 -11.43 28.84
N LEU A 195 -11.98 -10.21 28.28
CA LEU A 195 -10.90 -9.77 27.38
C LEU A 195 -9.55 -9.76 28.07
N MET A 196 -9.51 -9.54 29.37
CA MET A 196 -8.22 -9.55 30.06
C MET A 196 -7.73 -10.96 30.36
N LYS A 197 -8.56 -11.98 30.20
CA LYS A 197 -8.28 -13.29 30.79
C LYS A 197 -7.69 -14.25 29.78
N HIS A 198 -6.90 -15.18 30.29
CA HIS A 198 -6.37 -16.29 29.49
C HIS A 198 -5.77 -17.31 30.45
N PRO A 199 -6.04 -18.60 30.25
CA PRO A 199 -5.51 -19.64 31.16
C PRO A 199 -3.99 -19.65 31.27
N LYS A 200 -3.27 -19.28 30.22
CA LYS A 200 -1.81 -19.27 30.31
C LYS A 200 -1.28 -18.07 31.08
N THR A 201 -2.07 -17.00 31.16
CA THR A 201 -1.73 -15.91 32.07
C THR A 201 -1.79 -16.40 33.52
N ASP A 202 -2.86 -17.13 33.88
CA ASP A 202 -2.97 -17.62 35.25
C ASP A 202 -1.85 -18.60 35.58
N GLU A 203 -1.59 -19.56 34.69
N GLU A 203 -1.61 -19.58 34.70
CA GLU A 203 -0.53 -20.52 34.93
CA GLU A 203 -0.52 -20.53 34.91
C GLU A 203 0.83 -19.83 35.04
C GLU A 203 0.81 -19.80 35.06
N GLY A 204 1.05 -18.78 34.23
CA GLY A 204 2.29 -18.04 34.33
C GLY A 204 2.48 -17.38 35.67
N LEU A 205 1.43 -16.74 36.20
CA LEU A 205 1.53 -16.04 37.49
C LEU A 205 1.80 -17.01 38.63
N ALA A 206 1.15 -18.17 38.64
CA ALA A 206 1.44 -19.16 39.67
C ALA A 206 2.88 -19.68 39.53
N LYS A 207 3.35 -19.83 38.29
CA LYS A 207 4.74 -20.23 38.06
C LYS A 207 5.71 -19.23 38.69
N PHE A 208 5.53 -17.94 38.38
CA PHE A 208 6.39 -16.90 38.97
C PHE A 208 6.22 -16.83 40.48
N LEU A 209 5.01 -17.13 40.98
CA LEU A 209 4.79 -17.11 42.42
C LEU A 209 5.61 -18.20 43.11
N GLU A 210 5.61 -19.42 42.57
CA GLU A 210 6.41 -20.49 43.16
C GLU A 210 7.91 -20.19 43.07
N CYS A 211 8.34 -19.56 41.97
CA CYS A 211 9.74 -19.16 41.84
C CYS A 211 10.12 -18.07 42.84
N TRP A 212 9.18 -17.18 43.16
CA TRP A 212 9.47 -16.12 44.11
C TRP A 212 9.56 -16.65 45.55
N LYS A 213 8.82 -17.71 45.86
CA LYS A 213 8.90 -18.29 47.19
C LYS A 213 10.13 -19.17 47.39
N LYS A 214 10.87 -19.48 46.32
CA LYS A 214 12.13 -20.20 46.50
C LYS A 214 13.26 -19.26 46.93
N VAL A 215 13.28 -18.03 46.39
CA VAL A 215 14.33 -17.08 46.77
C VAL A 215 13.91 -16.15 47.88
N SER A 216 12.61 -16.02 48.14
CA SER A 216 12.10 -15.18 49.23
C SER A 216 10.91 -15.90 49.85
N PRO A 217 11.11 -16.61 50.97
CA PRO A 217 10.00 -17.35 51.58
C PRO A 217 8.76 -16.49 51.85
N ASP A 218 8.93 -15.31 52.43
CA ASP A 218 7.82 -14.39 52.66
C ASP A 218 7.23 -13.89 51.34
N MET B 1 -18.70 8.85 -1.35
CA MET B 1 -19.41 8.60 -2.60
C MET B 1 -20.63 9.47 -2.70
N LYS B 2 -20.73 10.26 -3.78
CA LYS B 2 -21.94 11.01 -4.02
C LYS B 2 -23.01 10.12 -4.61
N ILE B 3 -24.26 10.45 -4.32
CA ILE B 3 -25.41 9.69 -4.83
C ILE B 3 -26.28 10.65 -5.64
N PHE B 4 -26.34 10.43 -6.96
CA PHE B 4 -27.22 11.20 -7.81
C PHE B 4 -28.48 10.39 -8.07
N LEU B 5 -29.54 11.10 -8.47
CA LEU B 5 -30.80 10.47 -8.86
C LEU B 5 -30.89 10.43 -10.39
N ASP B 6 -31.18 9.24 -10.93
CA ASP B 6 -31.15 9.00 -12.38
C ASP B 6 -32.59 8.98 -12.88
N THR B 7 -33.11 10.17 -13.14
CA THR B 7 -34.51 10.34 -13.54
C THR B 7 -34.73 11.78 -13.96
N ALA B 8 -35.80 11.99 -14.71
CA ALA B 8 -36.33 13.32 -14.95
C ALA B 8 -37.71 13.49 -14.32
N ASN B 9 -38.15 12.54 -13.49
CA ASN B 9 -39.47 12.64 -12.87
C ASN B 9 -39.40 13.64 -11.72
N ILE B 10 -40.10 14.76 -11.87
CA ILE B 10 -39.99 15.85 -10.90
C ILE B 10 -40.41 15.40 -9.52
N ASP B 11 -41.51 14.65 -9.42
CA ASP B 11 -41.97 14.15 -8.13
C ASP B 11 -40.89 13.33 -7.44
N GLU B 12 -40.30 12.38 -8.15
CA GLU B 12 -39.21 11.59 -7.57
C GLU B 12 -38.08 12.49 -7.10
N ILE B 13 -37.71 13.49 -7.91
CA ILE B 13 -36.60 14.37 -7.54
C ILE B 13 -36.92 15.16 -6.28
N ARG B 14 -38.14 15.70 -6.18
CA ARG B 14 -38.53 16.45 -4.99
C ARG B 14 -38.52 15.56 -3.74
N THR B 15 -39.02 14.34 -3.86
CA THR B 15 -39.04 13.45 -2.71
C THR B 15 -37.64 13.08 -2.26
N GLY B 16 -36.76 12.79 -3.21
CA GLY B 16 -35.41 12.40 -2.84
C GLY B 16 -34.61 13.55 -2.24
N VAL B 17 -34.78 14.75 -2.80
CA VAL B 17 -34.11 15.94 -2.27
C VAL B 17 -34.61 16.25 -0.87
N ASN B 18 -35.93 16.17 -0.65
CA ASN B 18 -36.48 16.38 0.68
C ASN B 18 -35.93 15.39 1.70
N TRP B 19 -35.63 14.16 1.28
CA TRP B 19 -35.00 13.20 2.16
C TRP B 19 -33.57 13.59 2.53
N GLY B 20 -32.97 14.52 1.80
CA GLY B 20 -31.61 14.94 2.08
C GLY B 20 -30.50 14.01 1.62
N ILE B 21 -30.80 12.97 0.86
CA ILE B 21 -29.80 11.98 0.45
C ILE B 21 -29.42 12.09 -1.03
N VAL B 22 -29.89 13.12 -1.74
CA VAL B 22 -29.68 13.22 -3.17
C VAL B 22 -28.71 14.37 -3.42
N ASP B 23 -27.60 14.07 -4.08
CA ASP B 23 -26.52 15.04 -4.29
C ASP B 23 -26.52 15.64 -5.67
N GLY B 24 -27.38 15.15 -6.56
CA GLY B 24 -27.37 15.55 -7.95
C GLY B 24 -28.36 14.68 -8.71
N VAL B 25 -28.48 15.00 -10.00
CA VAL B 25 -29.46 14.36 -10.87
C VAL B 25 -28.79 14.13 -12.22
N THR B 26 -29.06 12.97 -12.82
CA THR B 26 -28.68 12.71 -14.20
C THR B 26 -29.94 12.52 -15.03
N THR B 27 -30.02 13.20 -16.16
CA THR B 27 -31.10 12.98 -17.12
C THR B 27 -30.51 12.49 -18.43
N ASN B 28 -31.38 12.03 -19.32
CA ASN B 28 -30.98 11.71 -20.69
C ASN B 28 -32.22 11.88 -21.56
N PRO B 29 -32.06 11.83 -22.90
CA PRO B 29 -33.23 12.07 -23.76
C PRO B 29 -34.40 11.14 -23.49
N CYS B 30 -34.14 9.85 -23.21
CA CYS B 30 -35.24 8.92 -22.94
C CYS B 30 -35.89 9.20 -21.60
N LEU B 31 -35.11 9.61 -20.60
CA LEU B 31 -35.71 9.96 -19.31
C LEU B 31 -36.56 11.21 -19.42
N ILE B 32 -36.10 12.20 -20.19
CA ILE B 32 -36.86 13.43 -20.33
C ILE B 32 -38.13 13.19 -21.14
N SER B 33 -38.04 12.40 -22.22
CA SER B 33 -39.22 12.17 -23.04
C SER B 33 -40.28 11.37 -22.28
N LYS B 34 -39.88 10.54 -21.32
CA LYS B 34 -40.86 9.85 -20.49
C LYS B 34 -41.75 10.84 -19.75
N GLU B 35 -41.21 11.97 -19.31
CA GLU B 35 -41.99 12.97 -18.58
C GLU B 35 -42.63 14.02 -19.49
N ALA B 36 -41.99 14.34 -20.61
CA ALA B 36 -42.44 15.43 -21.49
C ALA B 36 -43.57 14.94 -22.39
N VAL B 37 -44.69 14.59 -21.76
CA VAL B 37 -45.85 14.09 -22.47
C VAL B 37 -47.09 14.83 -21.99
N ASN B 38 -48.08 14.91 -22.88
CA ASN B 38 -49.38 15.51 -22.57
C ASN B 38 -49.25 16.96 -22.10
N GLY B 39 -48.57 17.76 -22.92
CA GLY B 39 -48.46 19.17 -22.64
C GLY B 39 -47.10 19.60 -22.14
N LYS B 40 -46.54 18.84 -21.20
CA LYS B 40 -45.27 19.21 -20.59
C LYS B 40 -44.16 19.25 -21.63
N LYS B 41 -43.45 20.38 -21.67
CA LYS B 41 -42.38 20.57 -22.63
C LYS B 41 -41.04 20.20 -21.99
N TYR B 42 -40.15 19.68 -22.82
CA TYR B 42 -38.85 19.23 -22.30
C TYR B 42 -38.05 20.39 -21.75
N GLY B 43 -38.23 21.60 -22.29
CA GLY B 43 -37.48 22.74 -21.79
C GLY B 43 -37.87 23.16 -20.40
N ASP B 44 -39.16 23.02 -20.05
CA ASP B 44 -39.60 23.34 -18.69
C ASP B 44 -39.13 22.30 -17.70
N ILE B 45 -39.23 21.02 -18.06
CA ILE B 45 -38.77 19.95 -17.18
C ILE B 45 -37.31 20.16 -16.80
N ILE B 46 -36.45 20.40 -17.80
CA ILE B 46 -35.03 20.64 -17.55
C ILE B 46 -34.85 21.83 -16.61
N ARG B 47 -35.49 22.96 -16.93
CA ARG B 47 -35.34 24.14 -16.08
C ARG B 47 -35.81 23.88 -14.66
N GLU B 48 -36.99 23.26 -14.50
CA GLU B 48 -37.50 22.98 -13.15
C GLU B 48 -36.52 22.13 -12.34
N ILE B 49 -35.90 21.12 -12.98
CA ILE B 49 -34.95 20.26 -12.28
C ILE B 49 -33.74 21.07 -11.81
N LEU B 50 -33.20 21.93 -12.68
CA LEU B 50 -32.09 22.79 -12.30
C LEU B 50 -32.45 23.67 -11.10
N LYS B 51 -33.71 24.10 -11.02
CA LYS B 51 -34.14 24.94 -9.92
C LYS B 51 -34.23 24.15 -8.61
N ILE B 52 -34.71 22.91 -8.68
CA ILE B 52 -34.97 22.12 -7.47
C ILE B 52 -33.65 21.62 -6.87
N VAL B 53 -32.71 21.22 -7.72
CA VAL B 53 -31.53 20.48 -7.27
C VAL B 53 -30.39 21.45 -7.04
N ASP B 54 -29.82 21.42 -5.84
CA ASP B 54 -28.67 22.26 -5.56
C ASP B 54 -27.41 21.71 -6.24
N GLY B 55 -27.29 20.41 -6.36
CA GLY B 55 -26.09 19.80 -6.89
C GLY B 55 -26.10 19.69 -8.41
N PRO B 56 -25.11 18.96 -8.95
CA PRO B 56 -24.96 18.85 -10.41
C PRO B 56 -26.16 18.20 -11.08
N VAL B 57 -26.56 18.76 -12.22
CA VAL B 57 -27.65 18.22 -13.03
C VAL B 57 -27.10 18.02 -14.44
N SER B 58 -27.01 16.77 -14.88
CA SER B 58 -26.47 16.44 -16.19
C SER B 58 -27.58 16.50 -17.23
N VAL B 59 -27.32 17.25 -18.31
CA VAL B 59 -28.26 17.40 -19.42
C VAL B 59 -27.55 17.00 -20.70
N GLU B 60 -28.17 16.14 -21.50
CA GLU B 60 -27.52 15.54 -22.64
C GLU B 60 -27.79 16.33 -23.91
N VAL B 61 -26.72 16.64 -24.65
CA VAL B 61 -26.89 17.21 -25.99
C VAL B 61 -27.58 16.20 -26.88
N VAL B 62 -28.27 16.70 -27.91
CA VAL B 62 -28.89 15.83 -28.89
C VAL B 62 -28.18 15.83 -30.24
N SER B 63 -27.41 16.87 -30.56
CA SER B 63 -26.64 16.89 -31.79
C SER B 63 -25.55 15.83 -31.76
N THR B 64 -25.22 15.31 -32.94
CA THR B 64 -24.17 14.30 -33.04
C THR B 64 -22.87 14.85 -33.62
N LYS B 65 -22.87 16.10 -34.06
CA LYS B 65 -21.71 16.72 -34.68
C LYS B 65 -21.02 17.66 -33.71
N TYR B 66 -19.69 17.77 -33.86
CA TYR B 66 -18.89 18.60 -32.97
C TYR B 66 -19.47 20.00 -32.81
N GLU B 67 -19.76 20.68 -33.93
CA GLU B 67 -20.22 22.07 -33.84
C GLU B 67 -21.57 22.15 -33.15
N GLY B 68 -22.53 21.32 -33.55
CA GLY B 68 -23.81 21.29 -32.86
C GLY B 68 -23.71 20.94 -31.39
N MET B 69 -22.73 20.08 -31.04
CA MET B 69 -22.60 19.68 -29.64
C MET B 69 -22.12 20.82 -28.77
N VAL B 70 -21.07 21.52 -29.21
CA VAL B 70 -20.50 22.62 -28.44
C VAL B 70 -21.53 23.74 -28.28
N GLU B 71 -22.30 24.02 -29.33
CA GLU B 71 -23.29 25.09 -29.27
C GLU B 71 -24.42 24.73 -28.31
N GLU B 72 -24.93 23.50 -28.40
CA GLU B 72 -25.94 23.05 -27.46
C GLU B 72 -25.41 23.06 -26.03
N ALA B 73 -24.13 22.72 -25.87
CA ALA B 73 -23.54 22.66 -24.53
C ALA B 73 -23.51 24.03 -23.88
N ARG B 74 -23.25 25.06 -24.67
CA ARG B 74 -23.17 26.42 -24.13
C ARG B 74 -24.54 26.93 -23.73
N LYS B 75 -25.59 26.57 -24.47
CA LYS B 75 -26.94 26.86 -24.03
C LYS B 75 -27.22 26.16 -22.70
N ILE B 76 -26.88 24.88 -22.61
CA ILE B 76 -27.10 24.11 -21.39
C ILE B 76 -26.34 24.75 -20.22
N HIS B 77 -25.06 25.07 -20.44
CA HIS B 77 -24.28 25.77 -19.43
C HIS B 77 -24.97 27.06 -18.97
N GLY B 78 -25.54 27.81 -19.92
CA GLY B 78 -26.21 29.05 -19.58
C GLY B 78 -27.43 28.88 -18.69
N LEU B 79 -28.03 27.68 -18.68
CA LEU B 79 -29.26 27.49 -17.90
C LEU B 79 -29.04 27.59 -16.40
N GLY B 80 -27.80 27.43 -15.94
CA GLY B 80 -27.51 27.44 -14.51
C GLY B 80 -26.12 26.95 -14.19
N ASP B 81 -25.55 27.43 -13.08
CA ASP B 81 -24.19 27.05 -12.70
C ASP B 81 -24.06 25.56 -12.39
N ASN B 82 -25.16 24.90 -12.02
CA ASN B 82 -25.15 23.48 -11.67
C ASN B 82 -25.41 22.57 -12.87
N ALA B 83 -25.56 23.13 -14.06
CA ALA B 83 -25.75 22.29 -15.25
C ALA B 83 -24.42 21.65 -15.62
N VAL B 84 -24.46 20.35 -15.90
CA VAL B 84 -23.34 19.59 -16.46
C VAL B 84 -23.76 19.06 -17.82
N VAL B 85 -22.92 19.27 -18.83
CA VAL B 85 -23.25 18.90 -20.20
C VAL B 85 -22.91 17.43 -20.45
N LYS B 86 -23.91 16.63 -20.76
CA LYS B 86 -23.71 15.21 -21.05
C LYS B 86 -23.39 15.05 -22.52
N ILE B 87 -22.32 14.31 -22.80
CA ILE B 87 -21.79 14.17 -24.15
C ILE B 87 -21.47 12.69 -24.37
N PRO B 88 -21.90 12.10 -25.48
CA PRO B 88 -21.64 10.67 -25.69
C PRO B 88 -20.21 10.40 -26.13
N MET B 89 -19.73 9.19 -25.84
CA MET B 89 -18.39 8.77 -26.20
C MET B 89 -18.35 8.49 -27.70
N THR B 90 -18.12 9.55 -28.48
CA THR B 90 -17.87 9.44 -29.91
C THR B 90 -16.66 10.31 -30.23
N GLU B 91 -16.20 10.20 -31.48
CA GLU B 91 -15.08 11.02 -31.92
C GLU B 91 -15.40 12.51 -31.82
N ASP B 92 -16.59 12.91 -32.31
CA ASP B 92 -17.02 14.30 -32.13
C ASP B 92 -17.26 14.62 -30.66
N GLY B 93 -17.80 13.66 -29.89
CA GLY B 93 -18.00 13.91 -28.49
C GLY B 93 -16.71 14.22 -27.76
N LEU B 94 -15.64 13.51 -28.10
CA LEU B 94 -14.35 13.76 -27.48
C LEU B 94 -13.82 15.14 -27.83
N ARG B 95 -13.85 15.50 -29.13
CA ARG B 95 -13.49 16.86 -29.52
C ARG B 95 -14.29 17.88 -28.72
N ALA B 96 -15.60 17.66 -28.58
CA ALA B 96 -16.44 18.63 -27.89
C ALA B 96 -16.03 18.75 -26.42
N ILE B 97 -15.71 17.62 -25.78
CA ILE B 97 -15.32 17.64 -24.38
C ILE B 97 -14.05 18.44 -24.16
N LYS B 98 -13.06 18.27 -25.05
CA LYS B 98 -11.82 19.02 -24.92
C LYS B 98 -12.08 20.52 -25.02
N THR B 99 -12.85 20.93 -26.03
CA THR B 99 -13.17 22.34 -26.20
C THR B 99 -13.89 22.89 -24.97
N LEU B 100 -14.97 22.23 -24.54
CA LEU B 100 -15.73 22.71 -23.40
C LEU B 100 -14.87 22.76 -22.14
N SER B 101 -14.00 21.76 -21.96
CA SER B 101 -13.13 21.73 -20.78
C SER B 101 -12.18 22.93 -20.76
N SER B 102 -11.62 23.28 -21.91
CA SER B 102 -10.79 24.48 -21.96
C SER B 102 -11.60 25.74 -21.68
N GLU B 103 -12.92 25.67 -21.80
CA GLU B 103 -13.80 26.78 -21.45
C GLU B 103 -14.40 26.66 -20.05
N HIS B 104 -13.92 25.71 -19.25
CA HIS B 104 -14.37 25.55 -17.86
C HIS B 104 -15.87 25.26 -17.76
N ILE B 105 -16.39 24.54 -18.75
CA ILE B 105 -17.77 24.09 -18.74
C ILE B 105 -17.77 22.62 -18.33
N ASN B 106 -18.45 22.31 -17.24
CA ASN B 106 -18.46 20.96 -16.68
C ASN B 106 -19.18 19.99 -17.60
N THR B 107 -18.61 18.79 -17.77
CA THR B 107 -19.05 17.82 -18.77
C THR B 107 -19.17 16.43 -18.15
N ASN B 108 -19.96 15.59 -18.82
CA ASN B 108 -20.23 14.22 -18.38
C ASN B 108 -20.25 13.33 -19.62
N CYS B 109 -19.27 12.42 -19.74
CA CYS B 109 -19.19 11.54 -20.92
C CYS B 109 -19.94 10.25 -20.66
N THR B 110 -20.93 9.97 -21.49
CA THR B 110 -21.88 8.90 -21.22
C THR B 110 -21.80 7.84 -22.30
N LEU B 111 -22.55 6.76 -22.11
CA LEU B 111 -22.52 5.61 -23.01
C LEU B 111 -21.11 5.01 -23.10
N VAL B 112 -20.48 4.85 -21.94
CA VAL B 112 -19.15 4.25 -21.82
C VAL B 112 -19.35 2.80 -21.39
N PHE B 113 -18.66 1.86 -22.05
CA PHE B 113 -18.87 0.46 -21.76
C PHE B 113 -17.60 -0.34 -21.50
N ASN B 114 -16.44 0.30 -21.48
CA ASN B 114 -15.20 -0.41 -21.18
C ASN B 114 -14.24 0.61 -20.60
N PRO B 115 -13.16 0.16 -19.98
CA PRO B 115 -12.29 1.11 -19.27
C PRO B 115 -11.48 2.01 -20.18
N ILE B 116 -11.15 1.57 -21.39
CA ILE B 116 -10.33 2.41 -22.27
C ILE B 116 -11.14 3.60 -22.77
N GLN B 117 -12.43 3.39 -23.05
CA GLN B 117 -13.32 4.51 -23.37
C GLN B 117 -13.36 5.52 -22.23
N ALA B 118 -13.43 5.02 -20.99
CA ALA B 118 -13.42 5.91 -19.84
C ALA B 118 -12.12 6.69 -19.79
N LEU B 119 -10.99 6.03 -20.03
CA LEU B 119 -9.71 6.73 -20.07
C LEU B 119 -9.69 7.83 -21.14
N LEU B 120 -10.16 7.54 -22.36
CA LEU B 120 -10.17 8.55 -23.41
C LEU B 120 -10.99 9.77 -22.99
N ALA B 121 -12.14 9.55 -22.35
CA ALA B 121 -12.96 10.66 -21.90
C ALA B 121 -12.21 11.48 -20.86
N ALA B 122 -11.49 10.81 -19.95
CA ALA B 122 -10.70 11.54 -18.96
C ALA B 122 -9.61 12.36 -19.63
N LYS B 123 -8.94 11.81 -20.65
CA LYS B 123 -7.87 12.52 -21.34
C LYS B 123 -8.36 13.76 -22.09
N ALA B 124 -9.64 13.76 -22.48
CA ALA B 124 -10.25 14.94 -23.06
C ALA B 124 -10.61 15.99 -22.00
N GLY B 125 -10.43 15.66 -20.72
CA GLY B 125 -10.69 16.60 -19.65
C GLY B 125 -12.07 16.55 -19.05
N VAL B 126 -12.82 15.47 -19.28
CA VAL B 126 -14.21 15.42 -18.85
C VAL B 126 -14.30 15.46 -17.32
N THR B 127 -15.38 16.07 -16.81
CA THR B 127 -15.55 16.19 -15.36
C THR B 127 -15.98 14.85 -14.78
N TYR B 128 -16.95 14.19 -15.42
CA TYR B 128 -17.47 12.89 -15.01
C TYR B 128 -17.44 11.94 -16.20
N VAL B 129 -17.23 10.66 -15.92
CA VAL B 129 -17.40 9.63 -16.93
C VAL B 129 -18.44 8.65 -16.39
N SER B 130 -19.39 8.23 -17.24
CA SER B 130 -20.57 7.45 -16.83
C SER B 130 -20.58 6.09 -17.53
N PRO B 131 -19.87 5.11 -17.00
CA PRO B 131 -19.99 3.74 -17.55
C PRO B 131 -21.31 3.12 -17.13
N PHE B 132 -21.93 2.36 -18.04
CA PHE B 132 -23.26 1.77 -17.82
C PHE B 132 -23.12 0.33 -17.36
N VAL B 133 -23.25 0.08 -16.04
CA VAL B 133 -23.04 -1.29 -15.57
C VAL B 133 -24.21 -2.20 -15.91
N GLY B 134 -25.45 -1.72 -15.77
CA GLY B 134 -26.60 -2.59 -15.99
C GLY B 134 -26.74 -3.05 -17.43
N ARG B 135 -26.33 -2.21 -18.39
CA ARG B 135 -26.42 -2.62 -19.79
C ARG B 135 -25.37 -3.67 -20.13
N LEU B 136 -24.24 -3.67 -19.42
CA LEU B 136 -23.30 -4.77 -19.54
C LEU B 136 -23.87 -6.04 -18.92
N ASP B 137 -24.47 -5.94 -17.71
CA ASP B 137 -25.17 -7.07 -17.11
C ASP B 137 -26.15 -7.69 -18.10
N ASP B 138 -26.93 -6.83 -18.79
CA ASP B 138 -27.92 -7.29 -19.76
C ASP B 138 -27.32 -8.21 -20.82
N ILE B 139 -26.07 -7.98 -21.22
CA ILE B 139 -25.45 -8.78 -22.28
C ILE B 139 -24.48 -9.81 -21.73
N GLY B 140 -24.62 -10.17 -20.44
CA GLY B 140 -23.90 -11.33 -19.91
C GLY B 140 -22.49 -11.06 -19.48
N GLU B 141 -22.18 -9.82 -19.15
CA GLU B 141 -20.87 -9.43 -18.65
C GLU B 141 -21.10 -8.68 -17.34
N ASP B 142 -20.31 -8.98 -16.32
CA ASP B 142 -20.51 -8.37 -14.99
C ASP B 142 -20.05 -6.93 -15.05
N GLY B 143 -21.01 -5.99 -15.14
CA GLY B 143 -20.63 -4.59 -15.41
C GLY B 143 -19.73 -3.99 -14.35
N MET B 144 -19.85 -4.44 -13.09
CA MET B 144 -19.05 -3.82 -12.05
C MET B 144 -17.56 -4.01 -12.26
N GLN B 145 -17.16 -5.07 -12.97
N GLN B 145 -17.16 -5.07 -12.96
CA GLN B 145 -15.74 -5.29 -13.19
CA GLN B 145 -15.74 -5.29 -13.20
C GLN B 145 -15.12 -4.15 -14.01
C GLN B 145 -15.12 -4.13 -13.99
N ILE B 146 -15.90 -3.50 -14.87
CA ILE B 146 -15.42 -2.36 -15.63
C ILE B 146 -15.17 -1.18 -14.69
N ILE B 147 -16.05 -0.97 -13.72
CA ILE B 147 -15.85 0.06 -12.68
C ILE B 147 -14.56 -0.21 -11.91
N ASP B 148 -14.31 -1.47 -11.54
CA ASP B 148 -13.09 -1.80 -10.79
C ASP B 148 -11.85 -1.43 -11.59
N MET B 149 -11.80 -1.80 -12.88
CA MET B 149 -10.64 -1.47 -13.70
C MET B 149 -10.50 0.04 -13.90
N ILE B 150 -11.61 0.76 -14.07
CA ILE B 150 -11.52 2.20 -14.25
C ILE B 150 -10.92 2.87 -13.01
N ARG B 151 -11.37 2.43 -11.82
CA ARG B 151 -10.84 2.96 -10.57
C ARG B 151 -9.33 2.75 -10.48
N THR B 152 -8.87 1.54 -10.81
CA THR B 152 -7.44 1.27 -10.81
C THR B 152 -6.71 2.15 -11.81
N ILE B 153 -7.23 2.22 -13.05
CA ILE B 153 -6.62 3.06 -14.08
C ILE B 153 -6.56 4.51 -13.62
N PHE B 154 -7.68 5.05 -13.15
CA PHE B 154 -7.67 6.44 -12.71
C PHE B 154 -6.72 6.65 -11.53
N ASN B 155 -6.62 5.66 -10.63
CA ASN B 155 -5.67 5.76 -9.51
C ASN B 155 -4.22 5.76 -9.99
N ASN B 156 -3.91 4.95 -11.01
CA ASN B 156 -2.54 4.86 -11.52
C ASN B 156 -2.05 6.20 -12.03
N TYR B 157 -2.94 6.97 -12.68
CA TYR B 157 -2.56 8.22 -13.33
C TYR B 157 -3.03 9.45 -12.58
N ILE B 158 -3.55 9.28 -11.36
CA ILE B 158 -4.01 10.39 -10.53
C ILE B 158 -5.02 11.22 -11.31
N ILE B 159 -6.00 10.56 -11.91
CA ILE B 159 -6.92 11.22 -12.84
C ILE B 159 -8.04 11.88 -12.05
N LYS B 160 -8.33 13.16 -12.36
CA LYS B 160 -9.32 13.91 -11.59
C LYS B 160 -10.75 13.70 -12.06
N THR B 161 -10.96 13.11 -13.25
CA THR B 161 -12.31 12.80 -13.71
C THR B 161 -13.00 11.93 -12.67
N GLN B 162 -14.25 12.26 -12.36
CA GLN B 162 -15.00 11.45 -11.39
C GLN B 162 -15.67 10.28 -12.09
N ILE B 163 -15.54 9.09 -11.50
CA ILE B 163 -16.24 7.90 -11.97
C ILE B 163 -17.67 7.99 -11.46
N LEU B 164 -18.64 8.01 -12.39
CA LEU B 164 -20.05 8.16 -12.08
C LEU B 164 -20.71 6.90 -12.60
N VAL B 165 -21.01 5.96 -11.69
CA VAL B 165 -21.57 4.67 -12.08
C VAL B 165 -23.02 4.85 -12.51
N ALA B 166 -23.31 4.53 -13.77
CA ALA B 166 -24.63 4.75 -14.35
C ALA B 166 -25.28 3.42 -14.69
N SER B 167 -26.51 3.49 -15.18
CA SER B 167 -27.28 2.29 -15.51
C SER B 167 -27.33 1.31 -14.34
N ILE B 168 -27.63 1.85 -13.15
CA ILE B 168 -27.68 1.05 -11.93
C ILE B 168 -29.06 0.43 -11.77
N ARG B 169 -29.10 -0.87 -11.48
CA ARG B 169 -30.35 -1.62 -11.39
C ARG B 169 -30.70 -2.12 -9.99
N ASN B 170 -29.76 -2.19 -9.06
CA ASN B 170 -30.02 -2.85 -7.79
C ASN B 170 -29.07 -2.29 -6.73
N PRO B 171 -29.35 -2.55 -5.44
CA PRO B 171 -28.49 -1.98 -4.39
C PRO B 171 -27.09 -2.58 -4.32
N ILE B 172 -26.83 -3.71 -4.99
CA ILE B 172 -25.49 -4.31 -4.97
C ILE B 172 -24.56 -3.61 -5.94
N HIS B 173 -25.08 -3.10 -7.07
CA HIS B 173 -24.30 -2.16 -7.86
C HIS B 173 -23.81 -1.03 -6.98
N VAL B 174 -24.70 -0.51 -6.11
CA VAL B 174 -24.32 0.59 -5.23
C VAL B 174 -23.28 0.13 -4.21
N LEU B 175 -23.52 -1.01 -3.54
CA LEU B 175 -22.56 -1.50 -2.55
C LEU B 175 -21.19 -1.73 -3.19
N ARG B 176 -21.17 -2.44 -4.32
CA ARG B 176 -19.89 -2.72 -4.96
C ARG B 176 -19.20 -1.45 -5.42
N SER B 177 -19.98 -0.44 -5.83
CA SER B 177 -19.39 0.84 -6.22
C SER B 177 -18.68 1.51 -5.05
N ALA B 178 -19.31 1.52 -3.88
CA ALA B 178 -18.68 2.11 -2.71
C ALA B 178 -17.43 1.35 -2.31
N VAL B 179 -17.48 0.01 -2.33
CA VAL B 179 -16.32 -0.80 -1.95
C VAL B 179 -15.18 -0.59 -2.93
N ILE B 180 -15.49 -0.48 -4.23
CA ILE B 180 -14.48 -0.16 -5.23
C ILE B 180 -13.91 1.23 -5.01
N GLY B 181 -14.75 2.21 -4.68
CA GLY B 181 -14.31 3.57 -4.50
C GLY B 181 -14.70 4.52 -5.65
N ALA B 182 -15.74 4.20 -6.42
CA ALA B 182 -16.27 5.11 -7.42
C ALA B 182 -16.71 6.41 -6.75
N ASP B 183 -16.50 7.53 -7.45
CA ASP B 183 -16.80 8.82 -6.85
C ASP B 183 -18.29 9.05 -6.73
N VAL B 184 -19.09 8.50 -7.65
CA VAL B 184 -20.50 8.81 -7.76
C VAL B 184 -21.26 7.58 -8.22
N VAL B 185 -22.48 7.42 -7.73
CA VAL B 185 -23.46 6.54 -8.33
C VAL B 185 -24.69 7.37 -8.65
N THR B 186 -25.35 7.07 -9.75
CA THR B 186 -26.64 7.66 -10.07
C THR B 186 -27.65 6.53 -10.14
N VAL B 187 -28.78 6.70 -9.46
CA VAL B 187 -29.68 5.56 -9.23
C VAL B 187 -31.12 5.92 -9.57
N PRO B 188 -31.88 5.00 -10.13
CA PRO B 188 -33.33 5.23 -10.28
C PRO B 188 -33.98 5.33 -8.92
N PHE B 189 -35.19 5.91 -8.90
CA PHE B 189 -35.83 6.21 -7.62
C PHE B 189 -36.16 4.95 -6.82
N ASN B 190 -36.60 3.87 -7.50
N ASN B 190 -36.60 3.88 -7.49
CA ASN B 190 -36.90 2.63 -6.78
CA ASN B 190 -36.92 2.65 -6.76
C ASN B 190 -35.68 2.08 -6.06
C ASN B 190 -35.68 2.08 -6.05
N VAL B 191 -34.50 2.25 -6.64
CA VAL B 191 -33.28 1.82 -5.98
C VAL B 191 -32.93 2.73 -4.81
N LEU B 192 -32.95 4.04 -5.03
CA LEU B 192 -32.66 5.02 -3.98
C LEU B 192 -33.47 4.76 -2.73
N LYS B 193 -34.77 4.53 -2.90
CA LYS B 193 -35.65 4.34 -1.75
C LYS B 193 -35.25 3.11 -0.93
N SER B 194 -34.77 2.07 -1.59
CA SER B 194 -34.46 0.85 -0.85
C SER B 194 -33.18 0.96 -0.02
N LEU B 195 -32.29 1.91 -0.34
CA LEU B 195 -30.96 1.92 0.25
C LEU B 195 -30.99 2.14 1.75
N MET B 196 -32.00 2.84 2.29
CA MET B 196 -32.10 3.06 3.72
C MET B 196 -32.71 1.89 4.48
N LYS B 197 -33.41 0.98 3.80
CA LYS B 197 -34.28 0.02 4.46
C LYS B 197 -33.51 -1.25 4.81
N HIS B 198 -33.90 -1.87 5.92
CA HIS B 198 -33.42 -3.21 6.23
C HIS B 198 -34.41 -3.81 7.20
N PRO B 199 -34.79 -5.07 7.02
CA PRO B 199 -35.77 -5.67 7.95
C PRO B 199 -35.32 -5.66 9.41
N LYS B 200 -34.02 -5.77 9.68
CA LYS B 200 -33.56 -5.76 11.07
C LYS B 200 -33.58 -4.35 11.67
N THR B 201 -33.49 -3.31 10.83
CA THR B 201 -33.73 -1.96 11.31
C THR B 201 -35.16 -1.83 11.82
N ASP B 202 -36.13 -2.28 11.01
CA ASP B 202 -37.53 -2.22 11.41
C ASP B 202 -37.79 -3.04 12.67
N GLU B 203 -37.29 -4.28 12.71
N GLU B 203 -37.31 -4.29 12.70
CA GLU B 203 -37.54 -5.13 13.87
CA GLU B 203 -37.51 -5.14 13.87
C GLU B 203 -36.87 -4.57 15.13
C GLU B 203 -36.91 -4.51 15.11
N GLY B 204 -35.72 -3.91 14.98
CA GLY B 204 -35.09 -3.27 16.13
C GLY B 204 -35.84 -2.05 16.63
N LEU B 205 -36.46 -1.29 15.73
CA LEU B 205 -37.26 -0.15 16.16
C LEU B 205 -38.48 -0.60 16.95
N ALA B 206 -39.09 -1.72 16.54
CA ALA B 206 -40.23 -2.26 17.27
C ALA B 206 -39.83 -2.78 18.65
N LYS B 207 -38.62 -3.33 18.77
CA LYS B 207 -38.12 -3.74 20.08
C LYS B 207 -37.89 -2.53 20.98
N PHE B 208 -37.33 -1.45 20.43
CA PHE B 208 -37.08 -0.26 21.23
C PHE B 208 -38.39 0.39 21.69
N LEU B 209 -39.38 0.47 20.81
CA LEU B 209 -40.67 1.03 21.19
C LEU B 209 -41.29 0.22 22.32
N GLU B 210 -41.20 -1.12 22.23
CA GLU B 210 -41.77 -1.95 23.29
C GLU B 210 -41.09 -1.69 24.63
N CYS B 211 -39.75 -1.56 24.62
CA CYS B 211 -39.04 -1.25 25.86
C CYS B 211 -39.46 0.11 26.41
N TRP B 212 -39.62 1.10 25.53
CA TRP B 212 -39.97 2.45 25.98
C TRP B 212 -41.35 2.50 26.61
N LYS B 213 -42.29 1.66 26.14
CA LYS B 213 -43.64 1.66 26.70
C LYS B 213 -43.66 1.10 28.11
N LYS B 214 -42.73 0.20 28.44
CA LYS B 214 -42.67 -0.32 29.80
C LYS B 214 -42.28 0.78 30.80
N VAL B 215 -41.46 1.74 30.39
CA VAL B 215 -40.97 2.79 31.29
C VAL B 215 -41.76 4.09 31.20
N SER B 216 -42.61 4.25 30.20
CA SER B 216 -43.36 5.48 30.02
C SER B 216 -44.55 5.20 29.13
N PRO B 217 -45.64 4.64 29.70
CA PRO B 217 -46.84 4.22 28.97
C PRO B 217 -47.51 5.37 28.20
N MET C 1 -2.27 7.89 -18.82
CA MET C 1 -1.54 7.16 -19.84
C MET C 1 -1.55 7.99 -21.11
N LYS C 2 -0.37 8.30 -21.64
CA LYS C 2 -0.29 8.97 -22.94
C LYS C 2 -0.49 7.94 -24.04
N ILE C 3 -1.06 8.39 -25.15
CA ILE C 3 -1.32 7.55 -26.31
C ILE C 3 -0.57 8.18 -27.48
N PHE C 4 0.42 7.46 -27.98
CA PHE C 4 1.12 7.85 -29.19
C PHE C 4 0.60 7.04 -30.36
N LEU C 5 0.71 7.61 -31.57
CA LEU C 5 0.38 6.92 -32.79
C LEU C 5 1.67 6.31 -33.35
N ASP C 6 1.63 5.02 -33.63
CA ASP C 6 2.80 4.30 -34.12
C ASP C 6 2.67 4.19 -35.64
N THR C 7 3.10 5.25 -36.34
CA THR C 7 2.95 5.30 -37.78
C THR C 7 3.76 6.47 -38.35
N ALA C 8 3.94 6.42 -39.67
CA ALA C 8 4.46 7.56 -40.41
C ALA C 8 3.47 8.06 -41.47
N ASN C 9 2.23 7.59 -41.43
CA ASN C 9 1.23 8.07 -42.39
C ASN C 9 0.71 9.44 -41.94
N ILE C 10 0.97 10.46 -42.76
CA ILE C 10 0.58 11.82 -42.41
C ILE C 10 -0.92 11.92 -42.21
N ASP C 11 -1.71 11.31 -43.12
CA ASP C 11 -3.17 11.42 -43.00
C ASP C 11 -3.66 10.80 -41.70
N GLU C 12 -3.09 9.66 -41.31
CA GLU C 12 -3.44 9.05 -40.03
C GLU C 12 -3.10 9.98 -38.87
N ILE C 13 -1.90 10.57 -38.91
CA ILE C 13 -1.46 11.44 -37.83
C ILE C 13 -2.33 12.69 -37.74
N ARG C 14 -2.65 13.29 -38.89
CA ARG C 14 -3.56 14.43 -38.91
C ARG C 14 -4.92 14.07 -38.31
N THR C 15 -5.47 12.92 -38.72
CA THR C 15 -6.78 12.52 -38.20
C THR C 15 -6.72 12.26 -36.70
N GLY C 16 -5.69 11.54 -36.25
CA GLY C 16 -5.58 11.26 -34.82
C GLY C 16 -5.41 12.51 -33.98
N VAL C 17 -4.55 13.43 -34.43
CA VAL C 17 -4.34 14.68 -33.72
C VAL C 17 -5.65 15.47 -33.64
N ASN C 18 -6.37 15.55 -34.76
CA ASN C 18 -7.65 16.24 -34.80
C ASN C 18 -8.61 15.72 -33.74
N TRP C 19 -8.59 14.41 -33.50
CA TRP C 19 -9.41 13.81 -32.45
C TRP C 19 -9.00 14.28 -31.06
N GLY C 20 -7.86 14.96 -30.92
CA GLY C 20 -7.41 15.41 -29.63
C GLY C 20 -6.96 14.34 -28.67
N ILE C 21 -6.81 13.10 -29.13
CA ILE C 21 -6.47 11.97 -28.27
C ILE C 21 -5.08 11.42 -28.55
N VAL C 22 -4.30 12.07 -29.41
CA VAL C 22 -2.96 11.61 -29.74
C VAL C 22 -1.96 12.56 -29.09
N ASP C 23 -1.08 12.02 -28.26
CA ASP C 23 -0.14 12.86 -27.53
C ASP C 23 1.26 12.87 -28.13
N GLY C 24 1.49 12.07 -29.16
CA GLY C 24 2.79 12.02 -29.82
C GLY C 24 2.79 10.94 -30.87
N VAL C 25 3.96 10.77 -31.49
CA VAL C 25 4.13 9.80 -32.58
C VAL C 25 5.44 9.04 -32.40
N THR C 26 5.41 7.74 -32.68
CA THR C 26 6.64 6.94 -32.81
C THR C 26 6.81 6.47 -34.26
N THR C 27 8.04 6.61 -34.77
CA THR C 27 8.36 6.11 -36.09
C THR C 27 9.57 5.20 -35.99
N ASN C 28 9.82 4.48 -37.07
CA ASN C 28 11.02 3.66 -37.22
C ASN C 28 11.31 3.55 -38.69
N PRO C 29 12.50 3.03 -39.06
CA PRO C 29 12.84 3.04 -40.49
C PRO C 29 11.83 2.32 -41.36
N CYS C 30 11.18 1.28 -40.83
CA CYS C 30 10.23 0.51 -41.63
C CYS C 30 8.93 1.28 -41.86
N LEU C 31 8.41 1.92 -40.81
CA LEU C 31 7.21 2.75 -40.99
C LEU C 31 7.48 3.90 -41.96
N ILE C 32 8.67 4.52 -41.88
CA ILE C 32 8.97 5.64 -42.77
C ILE C 32 9.08 5.16 -44.22
N SER C 33 9.78 4.04 -44.45
CA SER C 33 9.94 3.58 -45.83
C SER C 33 8.61 3.18 -46.44
N LYS C 34 7.64 2.79 -45.60
CA LYS C 34 6.30 2.49 -46.09
C LYS C 34 5.66 3.70 -46.75
N GLU C 35 5.95 4.92 -46.27
CA GLU C 35 5.43 6.14 -46.87
C GLU C 35 6.38 6.81 -47.85
N ALA C 36 7.67 6.47 -47.79
CA ALA C 36 8.70 7.07 -48.66
C ALA C 36 8.71 6.36 -50.01
N VAL C 37 7.56 6.40 -50.67
CA VAL C 37 7.37 5.83 -51.99
C VAL C 37 6.86 6.93 -52.91
N ASN C 38 7.29 6.86 -54.18
CA ASN C 38 6.81 7.75 -55.23
C ASN C 38 7.20 9.21 -54.94
N GLY C 39 8.51 9.43 -54.83
CA GLY C 39 9.06 10.75 -54.70
C GLY C 39 9.17 11.28 -53.29
N LYS C 40 8.43 10.73 -52.34
CA LYS C 40 8.46 11.22 -50.97
C LYS C 40 9.79 10.89 -50.33
N LYS C 41 10.49 11.91 -49.84
CA LYS C 41 11.78 11.69 -49.20
C LYS C 41 11.61 11.34 -47.72
N TYR C 42 12.58 10.58 -47.18
N TYR C 42 12.57 10.55 -47.22
CA TYR C 42 12.49 10.20 -45.78
CA TYR C 42 12.62 10.18 -45.81
C TYR C 42 12.61 11.42 -44.86
C TYR C 42 12.58 11.42 -44.92
N GLY C 43 13.45 12.39 -45.22
CA GLY C 43 13.57 13.57 -44.39
C GLY C 43 12.34 14.46 -44.43
N ASP C 44 11.68 14.56 -45.59
CA ASP C 44 10.47 15.37 -45.66
C ASP C 44 9.36 14.79 -44.80
N ILE C 45 9.17 13.46 -44.84
CA ILE C 45 8.17 12.82 -44.01
C ILE C 45 8.43 13.14 -42.54
N ILE C 46 9.68 13.00 -42.09
CA ILE C 46 10.04 13.25 -40.70
C ILE C 46 9.74 14.69 -40.33
N ARG C 47 10.22 15.64 -41.15
CA ARG C 47 10.01 17.05 -40.86
C ARG C 47 8.51 17.39 -40.83
N GLU C 48 7.72 16.75 -41.68
CA GLU C 48 6.29 17.05 -41.68
C GLU C 48 5.65 16.60 -40.37
N ILE C 49 6.02 15.40 -39.88
CA ILE C 49 5.44 14.90 -38.64
C ILE C 49 5.84 15.80 -37.48
N LEU C 50 7.14 16.12 -37.38
CA LEU C 50 7.62 17.05 -36.35
C LEU C 50 6.84 18.35 -36.36
N LYS C 51 6.33 18.73 -37.54
CA LYS C 51 5.61 19.98 -37.72
C LYS C 51 4.19 19.89 -37.17
N ILE C 52 3.43 18.90 -37.63
CA ILE C 52 2.02 18.82 -37.23
C ILE C 52 1.83 18.32 -35.79
N VAL C 53 2.79 17.60 -35.23
CA VAL C 53 2.61 16.98 -33.91
C VAL C 53 3.21 17.88 -32.84
N ASP C 54 2.39 18.29 -31.86
CA ASP C 54 2.96 19.06 -30.76
C ASP C 54 3.75 18.16 -29.79
N GLY C 55 3.28 16.95 -29.52
CA GLY C 55 3.94 16.09 -28.57
C GLY C 55 5.18 15.40 -29.13
N PRO C 56 5.78 14.53 -28.31
CA PRO C 56 7.05 13.89 -28.69
C PRO C 56 6.94 13.08 -29.97
N VAL C 57 7.98 13.13 -30.80
CA VAL C 57 8.04 12.39 -32.05
C VAL C 57 9.34 11.62 -32.06
N SER C 58 9.25 10.29 -32.04
CA SER C 58 10.42 9.42 -31.95
C SER C 58 10.93 9.10 -33.35
N VAL C 59 12.20 9.42 -33.60
CA VAL C 59 12.87 9.14 -34.87
C VAL C 59 14.11 8.30 -34.57
N GLU C 60 14.27 7.21 -35.32
CA GLU C 60 15.29 6.22 -35.01
C GLU C 60 16.58 6.50 -35.77
N VAL C 61 17.71 6.32 -35.09
CA VAL C 61 19.01 6.42 -35.76
C VAL C 61 19.22 5.22 -36.66
N VAL C 62 20.00 5.41 -37.71
CA VAL C 62 20.31 4.31 -38.62
C VAL C 62 21.73 3.76 -38.45
N SER C 63 22.65 4.56 -37.92
CA SER C 63 23.96 4.03 -37.59
C SER C 63 23.85 2.98 -36.48
N THR C 64 24.76 2.00 -36.52
CA THR C 64 24.83 0.96 -35.51
C THR C 64 25.99 1.14 -34.56
N LYS C 65 26.90 2.06 -34.84
CA LYS C 65 28.05 2.30 -34.00
C LYS C 65 27.84 3.58 -33.20
N TYR C 66 28.50 3.62 -32.02
CA TYR C 66 28.31 4.70 -31.07
C TYR C 66 28.44 6.08 -31.73
N GLU C 67 29.55 6.33 -32.41
CA GLU C 67 29.81 7.66 -32.94
C GLU C 67 28.75 8.09 -33.94
N GLY C 68 28.45 7.23 -34.93
CA GLY C 68 27.40 7.55 -35.88
C GLY C 68 26.05 7.76 -35.21
N MET C 69 25.79 7.10 -34.09
CA MET C 69 24.53 7.28 -33.39
C MET C 69 24.46 8.63 -32.70
N VAL C 70 25.53 9.04 -32.00
CA VAL C 70 25.49 10.34 -31.34
C VAL C 70 25.49 11.46 -32.37
N GLU C 71 26.13 11.25 -33.52
CA GLU C 71 26.10 12.27 -34.57
C GLU C 71 24.70 12.40 -35.16
N GLU C 72 24.08 11.26 -35.53
CA GLU C 72 22.72 11.30 -36.05
C GLU C 72 21.76 11.87 -35.04
N ALA C 73 21.96 11.57 -33.76
CA ALA C 73 21.06 12.03 -32.71
C ALA C 73 21.09 13.54 -32.59
N ARG C 74 22.26 14.15 -32.69
CA ARG C 74 22.35 15.61 -32.63
C ARG C 74 21.65 16.25 -33.83
N LYS C 75 21.78 15.66 -35.02
CA LYS C 75 21.02 16.15 -36.16
C LYS C 75 19.52 15.98 -35.95
N ILE C 76 19.10 14.84 -35.40
CA ILE C 76 17.68 14.61 -35.16
C ILE C 76 17.16 15.60 -34.13
N HIS C 77 17.91 15.80 -33.05
CA HIS C 77 17.50 16.76 -32.03
C HIS C 77 17.43 18.18 -32.58
N GLY C 78 18.30 18.53 -33.53
CA GLY C 78 18.27 19.85 -34.11
C GLY C 78 17.08 20.13 -35.00
N LEU C 79 16.28 19.10 -35.32
CA LEU C 79 15.14 19.27 -36.22
C LEU C 79 13.94 19.90 -35.52
N GLY C 80 13.92 19.90 -34.19
CA GLY C 80 12.82 20.43 -33.43
C GLY C 80 12.86 19.91 -32.00
N ASP C 81 12.36 20.72 -31.06
CA ASP C 81 12.45 20.37 -29.64
C ASP C 81 11.60 19.16 -29.27
N ASN C 82 10.60 18.82 -30.08
CA ASN C 82 9.74 17.68 -29.83
C ASN C 82 10.29 16.40 -30.43
N ALA C 83 11.52 16.42 -30.93
CA ALA C 83 12.12 15.19 -31.46
C ALA C 83 12.72 14.39 -30.33
N VAL C 84 12.49 13.08 -30.37
CA VAL C 84 13.05 12.14 -29.42
C VAL C 84 13.88 11.14 -30.21
N VAL C 85 15.14 10.97 -29.84
CA VAL C 85 16.04 10.14 -30.62
C VAL C 85 15.86 8.68 -30.23
N LYS C 86 15.45 7.85 -31.18
CA LYS C 86 15.15 6.44 -30.93
C LYS C 86 16.40 5.61 -31.21
N ILE C 87 16.80 4.82 -30.21
CA ILE C 87 18.10 4.14 -30.19
C ILE C 87 17.91 2.67 -29.78
N PRO C 88 18.47 1.73 -30.52
CA PRO C 88 18.29 0.32 -30.17
C PRO C 88 19.02 -0.06 -28.88
N MET C 89 18.52 -1.13 -28.27
CA MET C 89 19.08 -1.70 -27.04
C MET C 89 20.29 -2.55 -27.41
N THR C 90 21.44 -1.89 -27.56
CA THR C 90 22.70 -2.54 -27.86
C THR C 90 23.79 -1.93 -26.97
N GLU C 91 24.94 -2.61 -26.91
N GLU C 91 24.94 -2.61 -26.92
CA GLU C 91 26.10 -2.05 -26.22
CA GLU C 91 26.10 -2.06 -26.21
C GLU C 91 26.35 -0.60 -26.66
C GLU C 91 26.40 -0.62 -26.66
N ASP C 92 26.48 -0.39 -27.97
CA ASP C 92 26.73 0.97 -28.47
C ASP C 92 25.54 1.91 -28.22
N GLY C 93 24.32 1.38 -28.22
CA GLY C 93 23.17 2.23 -27.97
C GLY C 93 23.11 2.72 -26.54
N LEU C 94 23.45 1.85 -25.58
CA LEU C 94 23.49 2.28 -24.19
C LEU C 94 24.53 3.39 -24.00
N ARG C 95 25.72 3.22 -24.59
CA ARG C 95 26.74 4.26 -24.48
C ARG C 95 26.26 5.56 -25.11
N ALA C 96 25.46 5.48 -26.18
CA ALA C 96 24.99 6.71 -26.82
C ALA C 96 23.88 7.36 -26.00
N ILE C 97 23.03 6.55 -25.37
CA ILE C 97 21.97 7.11 -24.53
C ILE C 97 22.57 7.89 -23.37
N LYS C 98 23.60 7.33 -22.72
CA LYS C 98 24.25 8.00 -21.60
C LYS C 98 24.85 9.34 -22.04
N THR C 99 25.56 9.33 -23.17
CA THR C 99 26.11 10.58 -23.68
C THR C 99 25.00 11.60 -23.97
N LEU C 100 23.95 11.16 -24.66
CA LEU C 100 22.92 12.10 -25.08
C LEU C 100 22.10 12.60 -23.90
N SER C 101 21.82 11.72 -22.94
CA SER C 101 21.15 12.14 -21.71
C SER C 101 21.90 13.26 -21.02
N SER C 102 23.23 13.19 -21.01
CA SER C 102 24.02 14.26 -20.40
C SER C 102 24.01 15.53 -21.23
N GLU C 103 23.65 15.44 -22.52
CA GLU C 103 23.49 16.60 -23.36
C GLU C 103 22.05 17.06 -23.44
N HIS C 104 21.17 16.53 -22.59
CA HIS C 104 19.78 16.96 -22.48
C HIS C 104 19.00 16.72 -23.77
N ILE C 105 19.38 15.67 -24.49
CA ILE C 105 18.65 15.22 -25.67
C ILE C 105 17.78 14.05 -25.24
N ASN C 106 16.47 14.19 -25.47
CA ASN C 106 15.52 13.15 -25.09
C ASN C 106 15.68 11.94 -25.99
N THR C 107 15.66 10.75 -25.38
CA THR C 107 15.98 9.46 -26.00
C THR C 107 14.87 8.44 -25.74
N ASN C 108 14.79 7.45 -26.61
CA ASN C 108 13.79 6.37 -26.53
C ASN C 108 14.52 5.08 -26.91
N CYS C 109 14.67 4.16 -25.96
CA CYS C 109 15.40 2.91 -26.22
C CYS C 109 14.40 1.87 -26.72
N THR C 110 14.63 1.37 -27.93
CA THR C 110 13.64 0.50 -28.57
C THR C 110 14.19 -0.92 -28.71
N LEU C 111 13.32 -1.81 -29.19
CA LEU C 111 13.69 -3.22 -29.36
C LEU C 111 14.09 -3.88 -28.04
N VAL C 112 13.28 -3.63 -27.01
CA VAL C 112 13.47 -4.21 -25.67
C VAL C 112 12.48 -5.35 -25.52
N PHE C 113 12.96 -6.51 -25.02
CA PHE C 113 12.13 -7.71 -24.95
C PHE C 113 12.08 -8.39 -23.59
N ASN C 114 12.73 -7.86 -22.56
CA ASN C 114 12.65 -8.40 -21.21
C ASN C 114 12.84 -7.28 -20.22
N PRO C 115 12.51 -7.47 -18.94
CA PRO C 115 12.58 -6.33 -18.02
C PRO C 115 14.00 -5.87 -17.74
N ILE C 116 15.00 -6.75 -17.81
CA ILE C 116 16.36 -6.30 -17.45
C ILE C 116 16.96 -5.40 -18.53
N GLN C 117 16.69 -5.70 -19.82
CA GLN C 117 17.02 -4.73 -20.85
C GLN C 117 16.40 -3.37 -20.52
N ALA C 118 15.11 -3.37 -20.15
CA ALA C 118 14.47 -2.09 -19.84
C ALA C 118 15.20 -1.39 -18.71
N LEU C 119 15.60 -2.15 -17.68
CA LEU C 119 16.32 -1.56 -16.56
C LEU C 119 17.65 -0.97 -16.99
N LEU C 120 18.39 -1.66 -17.87
CA LEU C 120 19.67 -1.12 -18.33
C LEU C 120 19.48 0.19 -19.09
N ALA C 121 18.43 0.29 -19.90
CA ALA C 121 18.19 1.54 -20.61
C ALA C 121 17.87 2.66 -19.64
N ALA C 122 17.08 2.35 -18.59
CA ALA C 122 16.79 3.35 -17.56
C ALA C 122 18.06 3.80 -16.87
N LYS C 123 18.97 2.86 -16.55
CA LYS C 123 20.22 3.22 -15.88
C LYS C 123 21.10 4.11 -16.73
N ALA C 124 21.00 4.00 -18.04
CA ALA C 124 21.75 4.88 -18.93
C ALA C 124 21.08 6.25 -19.07
N GLY C 125 19.92 6.46 -18.46
CA GLY C 125 19.27 7.76 -18.43
C GLY C 125 18.26 7.99 -19.52
N VAL C 126 17.71 6.94 -20.12
CA VAL C 126 16.87 7.08 -21.30
C VAL C 126 15.54 7.71 -20.90
N THR C 127 14.96 8.50 -21.82
CA THR C 127 13.72 9.18 -21.50
C THR C 127 12.54 8.22 -21.54
N TYR C 128 12.51 7.35 -22.55
CA TYR C 128 11.47 6.34 -22.73
C TYR C 128 12.14 5.01 -23.02
N VAL C 129 11.49 3.91 -22.61
CA VAL C 129 11.87 2.58 -23.05
C VAL C 129 10.67 1.95 -23.73
N SER C 130 10.90 1.26 -24.85
CA SER C 130 9.81 0.73 -25.68
C SER C 130 9.88 -0.78 -25.78
N PRO C 131 9.25 -1.52 -24.84
CA PRO C 131 9.19 -2.97 -24.98
C PRO C 131 8.15 -3.34 -26.00
N PHE C 132 8.44 -4.41 -26.75
CA PHE C 132 7.63 -4.83 -27.90
C PHE C 132 6.77 -6.00 -27.43
N VAL C 133 5.49 -5.74 -27.16
CA VAL C 133 4.65 -6.80 -26.60
C VAL C 133 4.12 -7.73 -27.67
N GLY C 134 3.77 -7.19 -28.86
CA GLY C 134 3.25 -8.03 -29.91
C GLY C 134 4.26 -9.04 -30.43
N ARG C 135 5.52 -8.63 -30.51
CA ARG C 135 6.55 -9.56 -30.95
C ARG C 135 6.80 -10.66 -29.94
N LEU C 136 6.57 -10.38 -28.65
CA LEU C 136 6.64 -11.45 -27.67
C LEU C 136 5.47 -12.39 -27.83
N ASP C 137 4.25 -11.85 -27.97
CA ASP C 137 3.08 -12.67 -28.28
C ASP C 137 3.38 -13.61 -29.45
N ASP C 138 4.05 -13.10 -30.49
CA ASP C 138 4.27 -13.90 -31.69
C ASP C 138 5.05 -15.17 -31.39
N ILE C 139 5.98 -15.12 -30.43
CA ILE C 139 6.83 -16.24 -30.13
C ILE C 139 6.33 -17.03 -28.92
N GLY C 140 5.05 -16.86 -28.54
CA GLY C 140 4.40 -17.74 -27.58
C GLY C 140 4.57 -17.35 -26.12
N GLU C 141 4.89 -16.08 -25.86
CA GLU C 141 5.13 -15.58 -24.51
C GLU C 141 4.21 -14.37 -24.35
N ASP C 142 3.46 -14.30 -23.25
CA ASP C 142 2.52 -13.21 -23.05
C ASP C 142 3.31 -11.91 -22.85
N GLY C 143 3.30 -11.04 -23.86
CA GLY C 143 4.15 -9.87 -23.81
C GLY C 143 3.83 -8.88 -22.69
N MET C 144 2.56 -8.77 -22.32
CA MET C 144 2.17 -7.84 -21.24
C MET C 144 2.79 -8.19 -19.89
N GLN C 145 3.19 -9.46 -19.69
CA GLN C 145 3.81 -9.81 -18.42
C GLN C 145 5.13 -9.07 -18.24
N ILE C 146 5.82 -8.81 -19.33
CA ILE C 146 7.06 -8.03 -19.28
C ILE C 146 6.76 -6.58 -18.87
N ILE C 147 5.67 -6.00 -19.39
CA ILE C 147 5.29 -4.65 -18.97
C ILE C 147 5.03 -4.62 -17.46
N ASP C 148 4.30 -5.62 -16.95
CA ASP C 148 3.99 -5.64 -15.54
C ASP C 148 5.26 -5.67 -14.67
N MET C 149 6.26 -6.48 -15.07
CA MET C 149 7.51 -6.54 -14.33
C MET C 149 8.29 -5.25 -14.44
N ILE C 150 8.32 -4.65 -15.64
CA ILE C 150 9.00 -3.36 -15.77
C ILE C 150 8.37 -2.32 -14.85
N ARG C 151 7.04 -2.25 -14.81
CA ARG C 151 6.37 -1.31 -13.92
C ARG C 151 6.80 -1.51 -12.47
N THR C 152 6.83 -2.77 -12.02
CA THR C 152 7.24 -3.06 -10.64
C THR C 152 8.67 -2.62 -10.39
N ILE C 153 9.58 -2.98 -11.31
CA ILE C 153 10.98 -2.62 -11.16
C ILE C 153 11.12 -1.10 -11.10
N PHE C 154 10.47 -0.39 -12.03
CA PHE C 154 10.59 1.05 -12.06
C PHE C 154 10.04 1.66 -10.78
N ASN C 155 8.88 1.18 -10.32
CA ASN C 155 8.34 1.66 -9.04
C ASN C 155 9.32 1.42 -7.90
N ASN C 156 9.93 0.23 -7.86
CA ASN C 156 10.86 -0.11 -6.78
C ASN C 156 11.95 0.93 -6.62
N TYR C 157 12.50 1.42 -7.74
CA TYR C 157 13.67 2.29 -7.71
C TYR C 157 13.33 3.74 -8.06
N ILE C 158 12.05 4.09 -8.11
CA ILE C 158 11.59 5.44 -8.43
C ILE C 158 12.20 5.88 -9.75
N ILE C 159 12.20 5.00 -10.73
CA ILE C 159 12.84 5.31 -12.01
C ILE C 159 11.93 6.24 -12.79
N LYS C 160 12.50 7.29 -13.37
CA LYS C 160 11.71 8.30 -14.09
C LYS C 160 11.61 8.03 -15.58
N THR C 161 12.34 7.04 -16.09
CA THR C 161 12.13 6.61 -17.46
C THR C 161 10.66 6.21 -17.63
N GLN C 162 10.03 6.70 -18.69
CA GLN C 162 8.65 6.36 -18.97
C GLN C 162 8.58 5.02 -19.71
N ILE C 163 7.66 4.16 -19.28
CA ILE C 163 7.40 2.89 -19.96
C ILE C 163 6.49 3.17 -21.14
N LEU C 164 6.96 2.86 -22.36
CA LEU C 164 6.26 3.15 -23.60
C LEU C 164 5.97 1.80 -24.27
N VAL C 165 4.75 1.28 -24.09
CA VAL C 165 4.42 -0.03 -24.64
C VAL C 165 4.31 0.08 -26.15
N ALA C 166 5.10 -0.72 -26.87
CA ALA C 166 5.12 -0.72 -28.33
C ALA C 166 4.76 -2.11 -28.87
N SER C 167 4.80 -2.24 -30.19
CA SER C 167 4.35 -3.45 -30.89
C SER C 167 2.94 -3.84 -30.42
N ILE C 168 2.07 -2.85 -30.33
CA ILE C 168 0.71 -3.07 -29.87
C ILE C 168 -0.15 -3.54 -31.03
N ARG C 169 -0.92 -4.62 -30.80
CA ARG C 169 -1.72 -5.24 -31.86
C ARG C 169 -3.22 -5.20 -31.62
N ASN C 170 -3.69 -4.98 -30.42
CA ASN C 170 -5.12 -5.11 -30.16
C ASN C 170 -5.47 -4.24 -28.96
N PRO C 171 -6.77 -3.99 -28.74
CA PRO C 171 -7.15 -3.11 -27.61
C PRO C 171 -6.90 -3.71 -26.25
N ILE C 172 -6.61 -5.01 -26.16
CA ILE C 172 -6.34 -5.59 -24.84
C ILE C 172 -4.92 -5.25 -24.39
N HIS C 173 -3.97 -5.19 -25.33
CA HIS C 173 -2.66 -4.61 -25.02
C HIS C 173 -2.81 -3.25 -24.35
N VAL C 174 -3.73 -2.42 -24.87
CA VAL C 174 -3.93 -1.07 -24.36
C VAL C 174 -4.60 -1.11 -22.97
N LEU C 175 -5.68 -1.88 -22.84
CA LEU C 175 -6.36 -2.01 -21.56
C LEU C 175 -5.42 -2.51 -20.46
N ARG C 176 -4.67 -3.59 -20.74
CA ARG C 176 -3.76 -4.14 -19.74
C ARG C 176 -2.65 -3.16 -19.42
N SER C 177 -2.15 -2.44 -20.43
CA SER C 177 -1.15 -1.38 -20.18
C SER C 177 -1.68 -0.34 -19.20
N ALA C 178 -2.95 0.07 -19.36
CA ALA C 178 -3.54 1.08 -18.47
C ALA C 178 -3.74 0.53 -17.06
N VAL C 179 -4.15 -0.74 -16.93
CA VAL C 179 -4.37 -1.32 -15.61
C VAL C 179 -3.06 -1.49 -14.88
N ILE C 180 -2.01 -1.93 -15.61
CA ILE C 180 -0.67 -2.03 -15.06
C ILE C 180 -0.14 -0.66 -14.63
N GLY C 181 -0.41 0.36 -15.45
CA GLY C 181 0.11 1.69 -15.20
C GLY C 181 1.31 2.09 -16.03
N ALA C 182 1.47 1.54 -17.23
CA ALA C 182 2.48 2.03 -18.15
C ALA C 182 2.25 3.51 -18.46
N ASP C 183 3.33 4.25 -18.67
CA ASP C 183 3.23 5.70 -18.89
C ASP C 183 2.63 6.03 -20.24
N VAL C 184 2.96 5.25 -21.27
CA VAL C 184 2.59 5.55 -22.65
C VAL C 184 2.28 4.24 -23.35
N VAL C 185 1.33 4.25 -24.28
CA VAL C 185 1.19 3.24 -25.32
C VAL C 185 1.40 3.91 -26.67
N THR C 186 2.01 3.19 -27.61
CA THR C 186 2.00 3.63 -29.00
C THR C 186 1.27 2.58 -29.83
N VAL C 187 0.31 3.03 -30.64
CA VAL C 187 -0.66 2.16 -31.29
C VAL C 187 -0.75 2.45 -32.78
N PRO C 188 -0.96 1.44 -33.62
CA PRO C 188 -1.30 1.71 -35.01
C PRO C 188 -2.67 2.36 -35.08
N PHE C 189 -2.92 2.99 -36.25
CA PHE C 189 -4.12 3.81 -36.42
C PHE C 189 -5.39 2.96 -36.31
N ASN C 190 -5.39 1.77 -36.89
CA ASN C 190 -6.56 0.90 -36.76
C ASN C 190 -6.86 0.60 -35.29
N VAL C 191 -5.82 0.41 -34.48
CA VAL C 191 -6.07 0.20 -33.05
C VAL C 191 -6.63 1.46 -32.42
N LEU C 192 -6.01 2.62 -32.70
CA LEU C 192 -6.50 3.89 -32.14
C LEU C 192 -8.00 4.06 -32.36
N LYS C 193 -8.44 3.88 -33.62
CA LYS C 193 -9.83 4.09 -33.98
C LYS C 193 -10.76 3.15 -33.21
N SER C 194 -10.38 1.88 -33.07
CA SER C 194 -11.25 0.94 -32.36
C SER C 194 -11.45 1.32 -30.90
N LEU C 195 -10.48 2.03 -30.29
CA LEU C 195 -10.54 2.28 -28.84
C LEU C 195 -11.75 3.11 -28.46
N MET C 196 -12.25 3.94 -29.38
CA MET C 196 -13.41 4.76 -29.09
C MET C 196 -14.73 4.02 -29.23
N LYS C 197 -14.73 2.84 -29.85
CA LYS C 197 -15.99 2.26 -30.32
C LYS C 197 -16.48 1.15 -29.40
N HIS C 198 -17.80 0.99 -29.36
CA HIS C 198 -18.40 -0.15 -28.71
C HIS C 198 -19.82 -0.28 -29.23
N PRO C 199 -20.30 -1.48 -29.52
CA PRO C 199 -21.67 -1.63 -30.04
C PRO C 199 -22.74 -1.06 -29.11
N LYS C 200 -22.53 -1.11 -27.79
CA LYS C 200 -23.54 -0.56 -26.89
C LYS C 200 -23.56 0.96 -26.92
N THR C 201 -22.43 1.58 -27.26
CA THR C 201 -22.45 3.02 -27.51
C THR C 201 -23.31 3.32 -28.72
N ASP C 202 -23.13 2.56 -29.81
CA ASP C 202 -23.94 2.76 -30.99
C ASP C 202 -25.41 2.55 -30.68
N GLU C 203 -25.74 1.48 -29.94
N GLU C 203 -25.74 1.45 -29.99
CA GLU C 203 -27.15 1.18 -29.68
CA GLU C 203 -27.12 1.16 -29.65
C GLU C 203 -27.77 2.17 -28.70
C GLU C 203 -27.71 2.28 -28.80
N GLY C 204 -27.00 2.68 -27.74
CA GLY C 204 -27.52 3.72 -26.86
C GLY C 204 -27.80 5.02 -27.60
N LEU C 205 -26.99 5.35 -28.60
CA LEU C 205 -27.22 6.56 -29.39
C LEU C 205 -28.48 6.44 -30.24
N ALA C 206 -28.71 5.27 -30.84
CA ALA C 206 -29.93 5.08 -31.63
C ALA C 206 -31.17 5.20 -30.76
N LYS C 207 -31.14 4.66 -29.53
CA LYS C 207 -32.26 4.79 -28.61
C LYS C 207 -32.48 6.24 -28.21
N PHE C 208 -31.40 6.97 -27.91
CA PHE C 208 -31.52 8.39 -27.58
C PHE C 208 -32.16 9.18 -28.72
N LEU C 209 -31.82 8.84 -29.97
CA LEU C 209 -32.40 9.53 -31.12
C LEU C 209 -33.89 9.25 -31.20
N GLU C 210 -34.28 7.97 -31.07
CA GLU C 210 -35.69 7.62 -31.15
C GLU C 210 -36.50 8.34 -30.09
N CYS C 211 -35.97 8.45 -28.87
CA CYS C 211 -36.67 9.15 -27.78
C CYS C 211 -36.84 10.63 -28.09
N TRP C 212 -35.80 11.28 -28.61
CA TRP C 212 -35.92 12.71 -28.88
C TRP C 212 -36.92 12.99 -29.99
N LYS C 213 -37.00 12.12 -30.99
CA LYS C 213 -37.96 12.32 -32.08
C LYS C 213 -39.40 12.21 -31.57
N LYS C 214 -39.64 11.44 -30.52
CA LYS C 214 -40.96 11.43 -29.89
C LYS C 214 -41.31 12.80 -29.34
N VAL C 215 -40.31 13.58 -28.94
CA VAL C 215 -40.55 14.87 -28.31
C VAL C 215 -40.23 16.05 -29.23
N SER C 216 -39.32 15.89 -30.19
CA SER C 216 -39.03 16.93 -31.17
C SER C 216 -38.90 16.31 -32.55
N PRO C 217 -39.86 16.54 -33.45
CA PRO C 217 -39.78 15.91 -34.78
C PRO C 217 -38.56 16.33 -35.59
N ASP C 218 -38.17 17.60 -35.54
CA ASP C 218 -36.99 18.06 -36.27
C ASP C 218 -35.68 17.59 -35.63
N GLY C 219 -35.70 17.10 -34.39
CA GLY C 219 -34.55 16.48 -33.78
C GLY C 219 -33.50 17.43 -33.23
N LYS C 220 -33.92 18.52 -32.59
CA LYS C 220 -33.02 19.56 -32.11
C LYS C 220 -33.21 19.78 -30.61
N LEU C 221 -32.26 20.52 -30.02
CA LEU C 221 -32.29 20.91 -28.62
C LEU C 221 -32.53 22.43 -28.57
N ILE C 222 -33.79 22.81 -28.44
CA ILE C 222 -34.21 24.20 -28.48
C ILE C 222 -34.27 24.70 -27.04
N LEU C 223 -33.23 25.40 -26.60
CA LEU C 223 -33.18 25.95 -25.26
C LEU C 223 -33.00 27.47 -25.28
N MET D 1 18.38 -0.01 -9.26
CA MET D 1 19.28 -1.11 -8.90
C MET D 1 20.69 -0.89 -9.44
N LYS D 2 21.69 -0.92 -8.54
CA LYS D 2 23.07 -0.84 -8.96
C LYS D 2 23.56 -2.19 -9.44
N ILE D 3 24.49 -2.18 -10.39
CA ILE D 3 25.07 -3.40 -10.94
C ILE D 3 26.57 -3.35 -10.72
N PHE D 4 27.08 -4.23 -9.87
CA PHE D 4 28.53 -4.38 -9.69
C PHE D 4 29.04 -5.55 -10.52
N LEU D 5 30.34 -5.53 -10.79
CA LEU D 5 31.03 -6.64 -11.45
C LEU D 5 31.76 -7.44 -10.38
N ASP D 6 31.56 -8.76 -10.39
CA ASP D 6 32.12 -9.68 -9.39
C ASP D 6 33.32 -10.38 -10.02
N THR D 7 34.48 -9.72 -9.96
CA THR D 7 35.67 -10.26 -10.62
C THR D 7 36.88 -9.46 -10.15
N ALA D 8 38.07 -10.02 -10.40
CA ALA D 8 39.33 -9.31 -10.28
C ALA D 8 40.05 -9.20 -11.61
N ASN D 9 39.41 -9.58 -12.71
CA ASN D 9 40.02 -9.52 -14.02
C ASN D 9 39.97 -8.08 -14.53
N ILE D 10 41.14 -7.48 -14.70
CA ILE D 10 41.24 -6.09 -15.14
C ILE D 10 40.56 -5.90 -16.50
N ASP D 11 40.78 -6.84 -17.41
CA ASP D 11 40.21 -6.71 -18.75
C ASP D 11 38.68 -6.73 -18.69
N GLU D 12 38.11 -7.66 -17.93
CA GLU D 12 36.66 -7.68 -17.77
C GLU D 12 36.16 -6.38 -17.15
N ILE D 13 36.83 -5.90 -16.11
CA ILE D 13 36.40 -4.68 -15.45
C ILE D 13 36.48 -3.49 -16.43
N ARG D 14 37.64 -3.32 -17.07
CA ARG D 14 37.80 -2.25 -18.04
C ARG D 14 36.72 -2.31 -19.12
N THR D 15 36.42 -3.52 -19.61
CA THR D 15 35.37 -3.66 -20.61
C THR D 15 34.01 -3.25 -20.04
N GLY D 16 33.70 -3.68 -18.83
CA GLY D 16 32.40 -3.37 -18.25
C GLY D 16 32.22 -1.89 -17.96
N VAL D 17 33.27 -1.25 -17.45
CA VAL D 17 33.20 0.19 -17.22
C VAL D 17 33.03 0.93 -18.54
N ASN D 18 33.74 0.49 -19.58
CA ASN D 18 33.62 1.13 -20.89
C ASN D 18 32.22 1.02 -21.47
N TRP D 19 31.39 0.13 -20.94
CA TRP D 19 30.00 0.06 -21.35
C TRP D 19 29.10 1.03 -20.59
N GLY D 20 29.57 1.55 -19.45
CA GLY D 20 28.79 2.46 -18.65
C GLY D 20 27.71 1.81 -17.80
N ILE D 21 27.64 0.48 -17.75
CA ILE D 21 26.62 -0.21 -16.98
C ILE D 21 27.15 -0.80 -15.69
N VAL D 22 28.41 -0.57 -15.37
CA VAL D 22 29.04 -1.15 -14.19
C VAL D 22 29.23 -0.04 -13.16
N ASP D 23 28.62 -0.22 -11.99
CA ASP D 23 28.61 0.81 -10.95
C ASP D 23 29.66 0.58 -9.87
N GLY D 24 30.37 -0.54 -9.92
CA GLY D 24 31.34 -0.89 -8.90
C GLY D 24 31.78 -2.33 -9.10
N VAL D 25 32.64 -2.79 -8.18
CA VAL D 25 33.27 -4.09 -8.27
C VAL D 25 33.27 -4.75 -6.90
N THR D 26 33.03 -6.06 -6.86
CA THR D 26 33.29 -6.86 -5.68
C THR D 26 34.42 -7.84 -5.98
N THR D 27 35.39 -7.93 -5.08
CA THR D 27 36.45 -8.92 -5.12
C THR D 27 36.43 -9.75 -3.84
N ASN D 28 37.19 -10.84 -3.86
CA ASN D 28 37.40 -11.69 -2.69
C ASN D 28 38.74 -12.40 -2.89
N PRO D 29 39.24 -13.11 -1.86
CA PRO D 29 40.59 -13.68 -2.00
C PRO D 29 40.72 -14.68 -3.13
N CYS D 30 39.67 -15.46 -3.42
CA CYS D 30 39.75 -16.42 -4.52
C CYS D 30 39.75 -15.73 -5.88
N LEU D 31 38.87 -14.75 -6.09
CA LEU D 31 38.86 -13.99 -7.33
C LEU D 31 40.22 -13.34 -7.59
N ILE D 32 40.86 -12.82 -6.55
CA ILE D 32 42.12 -12.12 -6.75
C ILE D 32 43.26 -13.10 -7.03
N SER D 33 43.29 -14.22 -6.30
CA SER D 33 44.37 -15.18 -6.50
C SER D 33 44.36 -15.77 -7.91
N LYS D 34 43.19 -15.80 -8.55
CA LYS D 34 43.09 -16.25 -9.94
C LYS D 34 43.87 -15.35 -10.90
N GLU D 35 43.97 -14.05 -10.57
CA GLU D 35 44.70 -13.09 -11.37
C GLU D 35 46.14 -12.91 -10.90
N ALA D 36 46.41 -13.18 -9.62
CA ALA D 36 47.76 -13.04 -9.05
C ALA D 36 48.65 -14.20 -9.48
N VAL D 37 48.85 -14.31 -10.79
CA VAL D 37 49.66 -15.37 -11.38
C VAL D 37 50.55 -14.75 -12.46
N ASN D 38 51.62 -15.47 -12.79
CA ASN D 38 52.57 -15.05 -13.81
C ASN D 38 53.17 -13.68 -13.51
N GLY D 39 53.51 -13.45 -12.25
CA GLY D 39 54.18 -12.23 -11.85
C GLY D 39 53.31 -11.24 -11.11
N LYS D 40 52.05 -11.11 -11.51
CA LYS D 40 51.18 -10.09 -10.93
C LYS D 40 50.92 -10.36 -9.45
N LYS D 41 50.98 -9.30 -8.66
CA LYS D 41 50.82 -9.40 -7.22
C LYS D 41 49.42 -8.94 -6.81
N TYR D 42 48.93 -9.49 -5.70
CA TYR D 42 47.58 -9.18 -5.24
C TYR D 42 47.41 -7.70 -4.96
N GLY D 43 48.44 -7.06 -4.40
CA GLY D 43 48.34 -5.65 -4.08
C GLY D 43 48.21 -4.78 -5.31
N ASP D 44 48.97 -5.09 -6.36
CA ASP D 44 48.89 -4.31 -7.60
C ASP D 44 47.52 -4.47 -8.27
N ILE D 45 46.97 -5.69 -8.24
CA ILE D 45 45.66 -5.93 -8.86
C ILE D 45 44.62 -5.04 -8.20
N ILE D 46 44.61 -4.99 -6.88
CA ILE D 46 43.63 -4.19 -6.15
C ILE D 46 43.80 -2.70 -6.45
N ARG D 47 45.04 -2.21 -6.38
CA ARG D 47 45.25 -0.79 -6.67
C ARG D 47 44.86 -0.47 -8.10
N GLU D 48 45.00 -1.42 -9.02
CA GLU D 48 44.62 -1.17 -10.40
C GLU D 48 43.11 -1.08 -10.54
N ILE D 49 42.37 -1.90 -9.80
CA ILE D 49 40.91 -1.86 -9.87
C ILE D 49 40.38 -0.57 -9.24
N LEU D 50 40.91 -0.20 -8.08
CA LEU D 50 40.50 1.05 -7.44
C LEU D 50 40.62 2.22 -8.39
N LYS D 51 41.65 2.21 -9.25
CA LYS D 51 41.91 3.31 -10.18
C LYS D 51 40.89 3.32 -11.33
N ILE D 52 40.57 2.16 -11.88
CA ILE D 52 39.69 2.08 -13.04
C ILE D 52 38.23 2.36 -12.67
N VAL D 53 37.81 1.96 -11.48
CA VAL D 53 36.41 1.94 -11.08
C VAL D 53 36.13 3.16 -10.23
N ASP D 54 35.23 4.03 -10.70
N ASP D 54 35.21 4.02 -10.70
CA ASP D 54 34.91 5.21 -9.91
CA ASP D 54 34.86 5.22 -9.98
C ASP D 54 34.06 4.86 -8.69
C ASP D 54 33.99 4.92 -8.75
N GLY D 55 33.26 3.82 -8.78
CA GLY D 55 32.34 3.48 -7.72
C GLY D 55 32.94 2.60 -6.63
N PRO D 56 32.06 2.02 -5.81
CA PRO D 56 32.53 1.19 -4.69
C PRO D 56 33.25 -0.07 -5.17
N VAL D 57 34.41 -0.34 -4.58
CA VAL D 57 35.19 -1.55 -4.82
C VAL D 57 35.33 -2.28 -3.48
N SER D 58 34.79 -3.49 -3.40
CA SER D 58 34.86 -4.28 -2.16
C SER D 58 36.12 -5.14 -2.14
N VAL D 59 36.88 -5.02 -1.05
CA VAL D 59 38.14 -5.74 -0.86
C VAL D 59 38.04 -6.50 0.47
N GLU D 60 38.22 -7.81 0.42
CA GLU D 60 37.97 -8.62 1.61
C GLU D 60 39.21 -8.67 2.50
N VAL D 61 38.99 -8.57 3.83
CA VAL D 61 40.09 -8.78 4.75
C VAL D 61 40.43 -10.27 4.80
N VAL D 62 41.66 -10.56 5.18
CA VAL D 62 42.09 -11.93 5.31
C VAL D 62 42.25 -12.38 6.76
N SER D 63 42.37 -11.45 7.71
N SER D 63 42.36 -11.44 7.71
CA SER D 63 42.42 -11.86 9.11
CA SER D 63 42.39 -11.80 9.13
C SER D 63 41.07 -12.40 9.55
C SER D 63 41.05 -12.41 9.54
N THR D 64 41.11 -13.27 10.56
CA THR D 64 39.90 -13.85 11.13
C THR D 64 39.60 -13.29 12.52
N LYS D 65 40.51 -12.52 13.10
CA LYS D 65 40.35 -12.01 14.45
C LYS D 65 40.06 -10.51 14.42
N TYR D 66 39.31 -10.06 15.44
CA TYR D 66 38.78 -8.70 15.45
C TYR D 66 39.87 -7.66 15.17
N GLU D 67 40.99 -7.75 15.88
CA GLU D 67 42.01 -6.71 15.81
C GLU D 67 42.73 -6.71 14.47
N GLY D 68 42.99 -7.91 13.92
CA GLY D 68 43.56 -7.99 12.57
C GLY D 68 42.61 -7.46 11.52
N MET D 69 41.31 -7.70 11.68
CA MET D 69 40.35 -7.21 10.70
C MET D 69 40.30 -5.68 10.67
N VAL D 70 40.26 -5.06 11.84
N VAL D 70 40.25 -5.05 11.84
CA VAL D 70 40.17 -3.60 11.89
CA VAL D 70 40.16 -3.59 11.86
C VAL D 70 41.47 -2.98 11.41
C VAL D 70 41.48 -2.96 11.40
N GLU D 71 42.62 -3.58 11.75
CA GLU D 71 43.90 -3.06 11.28
C GLU D 71 44.01 -3.19 9.76
N GLU D 72 43.63 -4.34 9.21
CA GLU D 72 43.59 -4.49 7.76
C GLU D 72 42.62 -3.51 7.12
N ALA D 73 41.41 -3.40 7.69
CA ALA D 73 40.38 -2.55 7.12
C ALA D 73 40.83 -1.10 7.01
N ARG D 74 41.63 -0.64 7.97
CA ARG D 74 42.14 0.72 7.92
C ARG D 74 43.17 0.88 6.81
N LYS D 75 44.02 -0.13 6.61
CA LYS D 75 44.94 -0.09 5.48
C LYS D 75 44.16 -0.10 4.16
N ILE D 76 43.09 -0.88 4.08
CA ILE D 76 42.27 -0.92 2.87
C ILE D 76 41.60 0.43 2.63
N HIS D 77 41.00 1.00 3.68
CA HIS D 77 40.42 2.33 3.58
C HIS D 77 41.44 3.34 3.05
N GLY D 78 42.72 3.17 3.35
CA GLY D 78 43.73 4.11 2.91
C GLY D 78 44.08 4.01 1.44
N LEU D 79 43.61 2.98 0.74
CA LEU D 79 43.91 2.85 -0.68
C LEU D 79 43.06 3.77 -1.54
N GLY D 80 41.99 4.34 -1.00
CA GLY D 80 41.13 5.22 -1.76
C GLY D 80 39.74 5.31 -1.16
N ASP D 81 39.07 6.44 -1.38
CA ASP D 81 37.75 6.66 -0.79
C ASP D 81 36.69 5.71 -1.32
N ASN D 82 36.91 5.13 -2.48
CA ASN D 82 35.93 4.22 -3.05
C ASN D 82 36.10 2.78 -2.57
N ALA D 83 37.11 2.50 -1.75
CA ALA D 83 37.28 1.15 -1.23
C ALA D 83 36.21 0.85 -0.19
N VAL D 84 35.73 -0.39 -0.20
CA VAL D 84 34.75 -0.88 0.77
C VAL D 84 35.35 -2.15 1.38
N VAL D 85 35.36 -2.22 2.71
CA VAL D 85 36.03 -3.32 3.40
C VAL D 85 35.04 -4.46 3.58
N LYS D 86 35.37 -5.60 3.00
CA LYS D 86 34.49 -6.76 3.02
C LYS D 86 34.87 -7.62 4.22
N ILE D 87 33.87 -7.97 5.03
CA ILE D 87 34.08 -8.66 6.30
C ILE D 87 33.10 -9.82 6.41
N PRO D 88 33.55 -11.01 6.81
CA PRO D 88 32.62 -12.15 6.87
C PRO D 88 31.68 -12.03 8.06
N MET D 89 30.52 -12.67 7.92
CA MET D 89 29.54 -12.86 8.99
C MET D 89 30.07 -13.80 10.08
N THR D 90 30.83 -13.26 11.04
CA THR D 90 31.30 -13.99 12.21
C THR D 90 31.20 -13.05 13.42
N GLU D 91 31.34 -13.63 14.62
CA GLU D 91 31.33 -12.82 15.84
C GLU D 91 32.38 -11.72 15.79
N ASP D 92 33.60 -12.07 15.37
N ASP D 92 33.61 -12.06 15.36
CA ASP D 92 34.66 -11.09 15.21
CA ASP D 92 34.63 -11.03 15.25
C ASP D 92 34.32 -10.08 14.12
C ASP D 92 34.33 -10.07 14.11
N GLY D 93 33.73 -10.57 13.03
CA GLY D 93 33.36 -9.69 11.94
C GLY D 93 32.32 -8.66 12.33
N LEU D 94 31.33 -9.07 13.13
CA LEU D 94 30.30 -8.13 13.59
C LEU D 94 30.89 -7.06 14.49
N ARG D 95 31.86 -7.43 15.34
CA ARG D 95 32.51 -6.43 16.16
C ARG D 95 33.32 -5.47 15.30
N ALA D 96 34.05 -5.99 14.30
CA ALA D 96 34.82 -5.13 13.41
C ALA D 96 33.91 -4.16 12.69
N ILE D 97 32.81 -4.67 12.12
CA ILE D 97 31.87 -3.80 11.41
C ILE D 97 31.39 -2.68 12.32
N LYS D 98 31.06 -2.99 13.58
CA LYS D 98 30.58 -1.91 14.44
C LYS D 98 31.67 -0.89 14.69
N THR D 99 32.91 -1.34 14.92
CA THR D 99 34.01 -0.41 15.14
C THR D 99 34.28 0.42 13.88
N LEU D 100 34.36 -0.23 12.72
CA LEU D 100 34.66 0.48 11.49
C LEU D 100 33.52 1.39 11.07
N SER D 101 32.28 1.03 11.43
CA SER D 101 31.15 1.88 11.13
C SER D 101 31.28 3.24 11.82
N SER D 102 31.68 3.22 13.10
CA SER D 102 31.88 4.46 13.86
C SER D 102 33.04 5.29 13.31
N GLU D 103 34.02 4.64 12.68
CA GLU D 103 35.12 5.34 12.03
C GLU D 103 34.77 5.83 10.63
N HIS D 104 33.53 5.59 10.18
CA HIS D 104 33.06 6.04 8.87
C HIS D 104 33.79 5.37 7.72
N ILE D 105 34.17 4.11 7.92
CA ILE D 105 34.75 3.28 6.87
C ILE D 105 33.66 2.37 6.35
N ASN D 106 33.38 2.46 5.04
CA ASN D 106 32.31 1.67 4.44
C ASN D 106 32.63 0.17 4.47
N THR D 107 31.59 -0.63 4.73
CA THR D 107 31.78 -2.05 4.99
C THR D 107 30.77 -2.88 4.20
N ASN D 108 31.15 -4.13 3.96
CA ASN D 108 30.33 -5.09 3.22
C ASN D 108 30.41 -6.39 3.99
N CYS D 109 29.28 -6.87 4.49
CA CYS D 109 29.27 -8.13 5.23
C CYS D 109 28.98 -9.27 4.26
N THR D 110 29.89 -10.23 4.20
CA THR D 110 29.84 -11.27 3.18
C THR D 110 29.62 -12.64 3.82
N LEU D 111 29.35 -13.62 2.97
CA LEU D 111 29.09 -15.00 3.42
C LEU D 111 27.83 -15.07 4.30
N VAL D 112 26.79 -14.38 3.86
CA VAL D 112 25.49 -14.35 4.51
C VAL D 112 24.59 -15.33 3.79
N PHE D 113 23.86 -16.16 4.53
CA PHE D 113 23.06 -17.21 3.93
C PHE D 113 21.62 -17.28 4.41
N ASN D 114 21.21 -16.42 5.32
CA ASN D 114 19.83 -16.37 5.77
C ASN D 114 19.51 -14.93 6.14
N PRO D 115 18.21 -14.60 6.32
CA PRO D 115 17.86 -13.18 6.55
C PRO D 115 18.22 -12.67 7.95
N ILE D 116 18.35 -13.53 8.95
CA ILE D 116 18.69 -13.01 10.27
C ILE D 116 20.16 -12.63 10.33
N GLN D 117 21.04 -13.40 9.68
CA GLN D 117 22.42 -12.95 9.55
C GLN D 117 22.49 -11.58 8.88
N ALA D 118 21.68 -11.37 7.84
CA ALA D 118 21.64 -10.07 7.17
C ALA D 118 21.22 -8.98 8.14
N LEU D 119 20.16 -9.24 8.91
CA LEU D 119 19.72 -8.29 9.93
C LEU D 119 20.83 -7.98 10.94
N LEU D 120 21.52 -9.01 11.43
CA LEU D 120 22.55 -8.74 12.43
C LEU D 120 23.63 -7.84 11.86
N ALA D 121 24.02 -8.07 10.61
CA ALA D 121 25.02 -7.21 9.97
C ALA D 121 24.53 -5.77 9.89
N ALA D 122 23.29 -5.57 9.44
CA ALA D 122 22.73 -4.22 9.39
C ALA D 122 22.72 -3.58 10.77
N LYS D 123 22.39 -4.36 11.81
CA LYS D 123 22.40 -3.84 13.16
C LYS D 123 23.79 -3.39 13.59
N ALA D 124 24.85 -4.01 13.05
CA ALA D 124 26.19 -3.55 13.35
C ALA D 124 26.58 -2.29 12.58
N GLY D 125 25.71 -1.81 11.69
CA GLY D 125 26.00 -0.61 10.92
C GLY D 125 26.64 -0.83 9.56
N VAL D 126 26.56 -2.05 9.00
CA VAL D 126 27.26 -2.35 7.75
C VAL D 126 26.66 -1.56 6.57
N THR D 127 27.52 -1.16 5.63
CA THR D 127 27.04 -0.41 4.47
C THR D 127 26.30 -1.31 3.50
N TYR D 128 26.84 -2.51 3.24
CA TYR D 128 26.25 -3.50 2.33
C TYR D 128 26.25 -4.85 3.01
N VAL D 129 25.23 -5.65 2.70
CA VAL D 129 25.21 -7.06 3.06
C VAL D 129 25.11 -7.85 1.77
N SER D 130 25.88 -8.94 1.66
CA SER D 130 26.01 -9.71 0.43
C SER D 130 25.56 -11.14 0.68
N PRO D 131 24.27 -11.44 0.52
CA PRO D 131 23.81 -12.85 0.62
C PRO D 131 24.14 -13.61 -0.66
N PHE D 132 24.49 -14.89 -0.51
CA PHE D 132 25.01 -15.71 -1.61
C PHE D 132 23.89 -16.58 -2.17
N VAL D 133 23.22 -16.11 -3.22
CA VAL D 133 22.05 -16.84 -3.74
C VAL D 133 22.47 -18.15 -4.42
N GLY D 134 23.50 -18.08 -5.28
CA GLY D 134 23.88 -19.28 -6.04
C GLY D 134 24.39 -20.42 -5.18
N ARG D 135 25.01 -20.12 -4.04
CA ARG D 135 25.47 -21.16 -3.12
C ARG D 135 24.34 -21.76 -2.31
N LEU D 136 23.23 -21.04 -2.13
CA LEU D 136 22.02 -21.68 -1.62
C LEU D 136 21.40 -22.58 -2.68
N ASP D 137 21.28 -22.07 -3.91
CA ASP D 137 20.79 -22.90 -5.02
C ASP D 137 21.55 -24.22 -5.07
N ASP D 138 22.88 -24.16 -4.86
CA ASP D 138 23.72 -25.36 -4.97
C ASP D 138 23.29 -26.44 -3.99
N ILE D 139 22.74 -26.05 -2.84
CA ILE D 139 22.35 -27.02 -1.82
C ILE D 139 20.84 -27.25 -1.79
N GLY D 140 20.14 -26.89 -2.87
CA GLY D 140 18.75 -27.30 -2.99
C GLY D 140 17.77 -26.35 -2.35
N GLU D 141 18.17 -25.10 -2.12
N GLU D 141 18.17 -25.10 -2.11
CA GLU D 141 17.29 -24.08 -1.57
CA GLU D 141 17.30 -24.07 -1.55
C GLU D 141 17.30 -22.90 -2.53
C GLU D 141 17.29 -22.88 -2.50
N ASP D 142 16.10 -22.44 -2.90
CA ASP D 142 15.99 -21.28 -3.79
C ASP D 142 16.58 -20.05 -3.10
N GLY D 143 17.81 -19.70 -3.47
CA GLY D 143 18.47 -18.59 -2.80
C GLY D 143 17.74 -17.27 -2.92
N MET D 144 16.95 -17.07 -3.99
CA MET D 144 16.27 -15.77 -4.11
C MET D 144 15.23 -15.55 -3.00
N GLN D 145 14.68 -16.62 -2.40
N GLN D 145 14.69 -16.62 -2.40
CA GLN D 145 13.72 -16.42 -1.32
CA GLN D 145 13.72 -16.42 -1.33
C GLN D 145 14.35 -15.66 -0.15
C GLN D 145 14.34 -15.72 -0.12
N ILE D 146 15.65 -15.86 0.08
CA ILE D 146 16.32 -15.14 1.17
C ILE D 146 16.40 -13.65 0.86
N ILE D 147 16.65 -13.28 -0.41
CA ILE D 147 16.67 -11.86 -0.79
C ILE D 147 15.31 -11.24 -0.56
N ASP D 148 14.25 -11.94 -0.96
CA ASP D 148 12.90 -11.43 -0.76
C ASP D 148 12.61 -11.18 0.72
N MET D 149 12.99 -12.11 1.59
CA MET D 149 12.73 -11.90 3.02
C MET D 149 13.59 -10.79 3.58
N ILE D 150 14.85 -10.68 3.13
CA ILE D 150 15.71 -9.59 3.62
C ILE D 150 15.14 -8.25 3.22
N ARG D 151 14.59 -8.15 2.00
CA ARG D 151 13.99 -6.90 1.52
C ARG D 151 12.80 -6.51 2.38
N THR D 152 11.92 -7.48 2.68
CA THR D 152 10.79 -7.19 3.58
C THR D 152 11.29 -6.75 4.95
N ILE D 153 12.32 -7.43 5.49
CA ILE D 153 12.80 -7.11 6.84
C ILE D 153 13.40 -5.71 6.87
N PHE D 154 14.23 -5.39 5.86
CA PHE D 154 14.87 -4.07 5.83
C PHE D 154 13.83 -2.96 5.64
N ASN D 155 12.82 -3.21 4.78
CA ASN D 155 11.75 -2.23 4.62
C ASN D 155 10.99 -2.01 5.93
N ASN D 156 10.69 -3.11 6.64
CA ASN D 156 10.01 -3.04 7.94
C ASN D 156 10.66 -2.03 8.87
N TYR D 157 11.99 -2.05 8.95
CA TYR D 157 12.70 -1.23 9.92
C TYR D 157 13.39 -0.04 9.29
N ILE D 158 13.07 0.26 8.02
CA ILE D 158 13.66 1.39 7.29
C ILE D 158 15.18 1.30 7.38
N ILE D 159 15.72 0.11 7.15
CA ILE D 159 17.14 -0.12 7.35
C ILE D 159 17.92 0.42 6.15
N LYS D 160 19.03 1.10 6.42
CA LYS D 160 19.79 1.76 5.36
C LYS D 160 20.88 0.89 4.75
N THR D 161 21.19 -0.26 5.34
CA THR D 161 22.12 -1.19 4.69
C THR D 161 21.57 -1.57 3.34
N GLN D 162 22.43 -1.54 2.31
CA GLN D 162 22.03 -1.93 0.96
C GLN D 162 22.15 -3.43 0.77
N ILE D 163 21.11 -4.05 0.23
CA ILE D 163 21.15 -5.46 -0.13
C ILE D 163 21.94 -5.60 -1.42
N LEU D 164 23.02 -6.38 -1.38
CA LEU D 164 23.91 -6.60 -2.51
C LEU D 164 23.82 -8.10 -2.82
N VAL D 165 23.05 -8.46 -3.85
CA VAL D 165 22.87 -9.88 -4.16
C VAL D 165 24.16 -10.42 -4.76
N ALA D 166 24.72 -11.44 -4.15
CA ALA D 166 25.98 -11.99 -4.61
C ALA D 166 25.83 -13.47 -4.96
N SER D 167 26.95 -14.06 -5.36
CA SER D 167 26.97 -15.43 -5.87
C SER D 167 25.93 -15.60 -6.97
N ILE D 168 25.90 -14.63 -7.89
CA ILE D 168 24.89 -14.64 -8.95
C ILE D 168 25.36 -15.55 -10.08
N ARG D 169 24.44 -16.37 -10.61
CA ARG D 169 24.81 -17.38 -11.59
C ARG D 169 24.14 -17.24 -12.96
N ASN D 170 23.05 -16.50 -13.09
CA ASN D 170 22.30 -16.48 -14.34
C ASN D 170 21.48 -15.20 -14.39
N PRO D 171 20.90 -14.87 -15.55
CA PRO D 171 20.15 -13.60 -15.67
C PRO D 171 18.85 -13.56 -14.90
N ILE D 172 18.34 -14.69 -14.42
CA ILE D 172 17.09 -14.69 -13.66
C ILE D 172 17.32 -14.32 -12.19
N HIS D 173 18.48 -14.68 -11.61
CA HIS D 173 18.86 -14.05 -10.35
C HIS D 173 18.76 -12.53 -10.47
N VAL D 174 19.23 -11.98 -11.59
CA VAL D 174 19.21 -10.54 -11.79
C VAL D 174 17.78 -10.03 -11.91
N LEU D 175 16.97 -10.68 -12.76
CA LEU D 175 15.57 -10.29 -12.92
C LEU D 175 14.83 -10.34 -11.59
N ARG D 176 14.99 -11.42 -10.83
CA ARG D 176 14.23 -11.54 -9.58
C ARG D 176 14.69 -10.55 -8.54
N SER D 177 15.99 -10.24 -8.52
CA SER D 177 16.53 -9.22 -7.63
C SER D 177 15.91 -7.85 -7.91
N ALA D 178 15.71 -7.52 -9.19
CA ALA D 178 15.15 -6.21 -9.53
C ALA D 178 13.68 -6.18 -9.20
N VAL D 179 12.97 -7.28 -9.49
CA VAL D 179 11.55 -7.37 -9.16
C VAL D 179 11.35 -7.27 -7.65
N ILE D 180 12.21 -7.94 -6.86
CA ILE D 180 12.13 -7.86 -5.41
C ILE D 180 12.46 -6.45 -4.92
N GLY D 181 13.42 -5.80 -5.57
CA GLY D 181 13.89 -4.50 -5.13
C GLY D 181 15.22 -4.47 -4.39
N ALA D 182 16.07 -5.47 -4.57
CA ALA D 182 17.42 -5.40 -4.03
C ALA D 182 18.11 -4.15 -4.56
N ASP D 183 18.96 -3.57 -3.71
CA ASP D 183 19.64 -2.33 -4.04
C ASP D 183 20.72 -2.55 -5.09
N VAL D 184 21.41 -3.68 -5.01
CA VAL D 184 22.58 -3.95 -5.83
C VAL D 184 22.59 -5.42 -6.20
N VAL D 185 23.12 -5.72 -7.38
CA VAL D 185 23.56 -7.06 -7.73
C VAL D 185 25.01 -6.98 -8.16
N THR D 186 25.80 -7.99 -7.82
CA THR D 186 27.14 -8.11 -8.35
C THR D 186 27.20 -9.37 -9.20
N VAL D 187 27.69 -9.24 -10.43
CA VAL D 187 27.54 -10.30 -11.42
C VAL D 187 28.89 -10.63 -12.05
N PRO D 188 29.16 -11.91 -12.33
CA PRO D 188 30.34 -12.25 -13.13
C PRO D 188 30.20 -11.68 -14.54
N PHE D 189 31.33 -11.54 -15.22
CA PHE D 189 31.34 -10.87 -16.51
C PHE D 189 30.42 -11.56 -17.50
N ASN D 190 30.42 -12.90 -17.53
N ASN D 190 30.42 -12.89 -17.54
CA ASN D 190 29.61 -13.64 -18.49
CA ASN D 190 29.60 -13.59 -18.53
C ASN D 190 28.13 -13.32 -18.32
C ASN D 190 28.11 -13.35 -18.31
N VAL D 191 27.68 -13.12 -17.08
CA VAL D 191 26.29 -12.77 -16.85
C VAL D 191 26.01 -11.34 -17.33
N LEU D 192 26.92 -10.41 -17.00
CA LEU D 192 26.75 -9.00 -17.36
C LEU D 192 26.54 -8.84 -18.87
N LYS D 193 27.41 -9.45 -19.66
CA LYS D 193 27.32 -9.27 -21.10
C LYS D 193 26.01 -9.83 -21.66
N SER D 194 25.49 -10.90 -21.06
CA SER D 194 24.23 -11.47 -21.54
C SER D 194 23.05 -10.54 -21.28
N LEU D 195 23.12 -9.70 -20.23
CA LEU D 195 21.97 -8.90 -19.82
C LEU D 195 21.46 -7.99 -20.94
N MET D 196 22.33 -7.57 -21.85
CA MET D 196 21.88 -6.67 -22.90
C MET D 196 21.25 -7.40 -24.08
N LYS D 197 21.44 -8.71 -24.18
CA LYS D 197 21.19 -9.43 -25.42
C LYS D 197 19.79 -10.03 -25.44
N HIS D 198 19.25 -10.19 -26.64
CA HIS D 198 18.00 -10.89 -26.86
C HIS D 198 17.83 -11.14 -28.35
N PRO D 199 17.46 -12.36 -28.76
CA PRO D 199 17.35 -12.65 -30.20
C PRO D 199 16.34 -11.76 -30.92
N LYS D 200 15.27 -11.32 -30.25
CA LYS D 200 14.34 -10.44 -30.95
C LYS D 200 14.91 -9.04 -31.15
N THR D 201 15.81 -8.60 -30.28
CA THR D 201 16.54 -7.36 -30.55
C THR D 201 17.36 -7.49 -31.84
N ASP D 202 18.12 -8.59 -31.98
CA ASP D 202 18.93 -8.79 -33.19
C ASP D 202 18.06 -8.91 -34.44
N GLU D 203 16.96 -9.65 -34.36
N GLU D 203 16.98 -9.69 -34.36
CA GLU D 203 16.09 -9.78 -35.51
CA GLU D 203 16.05 -9.79 -35.48
C GLU D 203 15.41 -8.45 -35.84
C GLU D 203 15.51 -8.41 -35.85
N GLY D 204 15.19 -7.60 -34.84
CA GLY D 204 14.59 -6.31 -35.11
C GLY D 204 15.54 -5.35 -35.79
N LEU D 205 16.80 -5.33 -35.33
CA LEU D 205 17.85 -4.57 -36.02
C LEU D 205 17.93 -4.93 -37.50
N ALA D 206 18.00 -6.23 -37.79
CA ALA D 206 18.17 -6.65 -39.19
C ALA D 206 16.98 -6.22 -40.02
N LYS D 207 15.77 -6.26 -39.45
CA LYS D 207 14.61 -5.77 -40.18
C LYS D 207 14.70 -4.26 -40.41
N PHE D 208 15.12 -3.49 -39.39
CA PHE D 208 15.28 -2.05 -39.58
C PHE D 208 16.33 -1.75 -40.65
N LEU D 209 17.42 -2.51 -40.68
CA LEU D 209 18.49 -2.28 -41.64
C LEU D 209 18.03 -2.55 -43.07
N GLU D 210 17.16 -3.54 -43.27
CA GLU D 210 16.60 -3.78 -44.60
C GLU D 210 15.73 -2.62 -45.05
N CYS D 211 14.86 -2.11 -44.17
CA CYS D 211 13.98 -1.01 -44.56
C CYS D 211 14.78 0.25 -44.88
N TRP D 212 15.85 0.49 -44.12
CA TRP D 212 16.66 1.67 -44.38
C TRP D 212 17.32 1.61 -45.75
N LYS D 213 17.71 0.40 -46.21
CA LYS D 213 18.37 0.30 -47.49
C LYS D 213 17.42 0.47 -48.68
N LYS D 214 16.12 0.23 -48.49
CA LYS D 214 15.15 0.52 -49.55
C LYS D 214 15.03 2.01 -49.82
N VAL D 215 15.39 2.86 -48.87
CA VAL D 215 15.27 4.31 -49.05
C VAL D 215 16.62 5.02 -49.16
N SER D 216 17.71 4.42 -48.68
CA SER D 216 19.03 5.04 -48.76
C SER D 216 20.05 4.03 -49.24
N PRO D 217 20.51 4.14 -50.50
CA PRO D 217 21.51 3.18 -51.00
C PRO D 217 22.84 3.23 -50.27
N ASP D 218 23.18 4.35 -49.63
CA ASP D 218 24.42 4.46 -48.88
C ASP D 218 24.23 4.02 -47.44
N MET E 1 14.77 -4.25 14.00
CA MET E 1 14.35 -5.05 15.16
C MET E 1 15.42 -5.00 16.23
N LYS E 2 15.04 -4.58 17.44
CA LYS E 2 15.92 -4.72 18.58
C LYS E 2 15.94 -6.18 19.05
N ILE E 3 17.05 -6.57 19.66
CA ILE E 3 17.25 -7.92 20.15
C ILE E 3 17.67 -7.81 21.62
N PHE E 4 16.87 -8.36 22.51
CA PHE E 4 17.18 -8.42 23.94
C PHE E 4 17.56 -9.84 24.33
N LEU E 5 18.28 -9.96 25.43
CA LEU E 5 18.65 -11.25 26.00
C LEU E 5 17.66 -11.62 27.10
N ASP E 6 17.09 -12.81 27.03
CA ASP E 6 16.09 -13.28 27.99
C ASP E 6 16.76 -14.14 29.08
N THR E 7 17.54 -13.48 29.94
CA THR E 7 18.25 -14.23 30.97
C THR E 7 18.63 -13.32 32.12
N ALA E 8 18.88 -13.94 33.27
CA ALA E 8 19.47 -13.28 34.42
C ALA E 8 20.90 -13.73 34.67
N ASN E 9 21.44 -14.57 33.79
CA ASN E 9 22.80 -15.07 33.94
C ASN E 9 23.77 -13.98 33.50
N ILE E 10 24.60 -13.52 34.45
CA ILE E 10 25.51 -12.42 34.15
C ILE E 10 26.54 -12.81 33.08
N ASP E 11 26.98 -14.07 33.05
CA ASP E 11 28.01 -14.47 32.11
C ASP E 11 27.46 -14.57 30.70
N GLU E 12 26.20 -15.02 30.55
CA GLU E 12 25.54 -14.94 29.27
C GLU E 12 25.40 -13.48 28.83
N ILE E 13 24.86 -12.64 29.71
CA ILE E 13 24.68 -11.22 29.38
C ILE E 13 26.01 -10.56 29.03
N ARG E 14 27.05 -10.83 29.83
CA ARG E 14 28.35 -10.22 29.59
C ARG E 14 28.92 -10.62 28.22
N THR E 15 28.73 -11.87 27.83
CA THR E 15 29.25 -12.34 26.54
C THR E 15 28.50 -11.72 25.36
N GLY E 16 27.16 -11.71 25.44
CA GLY E 16 26.37 -11.13 24.36
C GLY E 16 26.55 -9.63 24.21
N VAL E 17 26.74 -8.92 25.33
CA VAL E 17 27.00 -7.49 25.26
C VAL E 17 28.26 -7.22 24.45
N ASN E 18 29.36 -7.90 24.80
CA ASN E 18 30.62 -7.73 24.07
C ASN E 18 30.44 -7.95 22.56
N TRP E 19 29.53 -8.83 22.16
CA TRP E 19 29.33 -9.13 20.75
C TRP E 19 28.75 -7.96 19.97
N GLY E 20 28.14 -7.00 20.65
CA GLY E 20 27.57 -5.84 19.99
C GLY E 20 26.18 -6.05 19.42
N ILE E 21 25.50 -7.12 19.78
CA ILE E 21 24.20 -7.45 19.19
C ILE E 21 23.06 -7.49 20.20
N VAL E 22 23.35 -7.37 21.49
CA VAL E 22 22.33 -7.37 22.53
C VAL E 22 21.97 -5.92 22.84
N ASP E 23 20.72 -5.53 22.58
CA ASP E 23 20.27 -4.16 22.81
C ASP E 23 19.60 -3.97 24.18
N GLY E 24 19.48 -5.03 24.96
CA GLY E 24 18.74 -4.96 26.22
C GLY E 24 18.56 -6.35 26.79
N VAL E 25 17.87 -6.40 27.93
CA VAL E 25 17.73 -7.62 28.71
C VAL E 25 16.32 -7.68 29.28
N THR E 26 15.73 -8.88 29.26
CA THR E 26 14.51 -9.18 30.00
C THR E 26 14.80 -10.22 31.06
N THR E 27 14.24 -10.04 32.25
CA THR E 27 14.33 -11.01 33.33
C THR E 27 12.91 -11.30 33.83
N ASN E 28 12.79 -12.31 34.69
CA ASN E 28 11.51 -12.60 35.35
C ASN E 28 11.80 -13.35 36.66
N PRO E 29 10.80 -13.49 37.54
CA PRO E 29 11.08 -14.14 38.84
C PRO E 29 11.72 -15.51 38.73
N CYS E 30 11.38 -16.30 37.70
CA CYS E 30 11.94 -17.64 37.55
C CYS E 30 13.37 -17.60 37.02
N LEU E 31 13.66 -16.71 36.06
CA LEU E 31 15.03 -16.56 35.60
C LEU E 31 15.94 -16.10 36.74
N ILE E 32 15.46 -15.18 37.58
CA ILE E 32 16.31 -14.65 38.64
C ILE E 32 16.48 -15.66 39.76
N SER E 33 15.44 -16.46 40.03
CA SER E 33 15.56 -17.52 41.02
C SER E 33 16.58 -18.57 40.60
N LYS E 34 16.79 -18.75 39.30
CA LYS E 34 17.80 -19.70 38.84
C LYS E 34 19.21 -19.21 39.12
N GLU E 35 19.41 -17.90 39.24
CA GLU E 35 20.73 -17.36 39.57
C GLU E 35 20.89 -17.04 41.05
N ALA E 36 19.80 -16.98 41.81
CA ALA E 36 19.86 -16.64 43.23
C ALA E 36 19.98 -17.88 44.11
N VAL E 37 20.93 -18.74 43.79
CA VAL E 37 21.22 -19.94 44.58
C VAL E 37 22.66 -19.85 45.09
N ASN E 38 22.93 -20.66 46.12
CA ASN E 38 24.24 -20.68 46.78
C ASN E 38 24.62 -19.28 47.29
N GLY E 39 23.71 -18.68 48.07
CA GLY E 39 23.95 -17.42 48.71
C GLY E 39 23.75 -16.19 47.86
N LYS E 40 23.86 -16.30 46.53
CA LYS E 40 23.58 -15.16 45.66
C LYS E 40 22.12 -14.76 45.82
N LYS E 41 21.88 -13.46 45.96
CA LYS E 41 20.52 -12.96 46.14
C LYS E 41 20.12 -12.10 44.96
N TYR E 42 18.79 -12.04 44.75
CA TYR E 42 18.23 -11.36 43.58
C TYR E 42 18.65 -9.89 43.52
N GLY E 43 18.74 -9.23 44.68
CA GLY E 43 19.01 -7.80 44.69
C GLY E 43 20.30 -7.42 43.99
N ASP E 44 21.36 -8.21 44.22
CA ASP E 44 22.63 -7.91 43.57
C ASP E 44 22.59 -8.25 42.09
N ILE E 45 21.93 -9.37 41.73
CA ILE E 45 21.85 -9.80 40.34
C ILE E 45 21.23 -8.70 39.48
N ILE E 46 20.10 -8.14 39.93
CA ILE E 46 19.43 -7.08 39.19
C ILE E 46 20.33 -5.86 39.03
N ARG E 47 20.98 -5.44 40.12
CA ARG E 47 21.82 -4.26 40.07
C ARG E 47 22.99 -4.44 39.10
N GLU E 48 23.57 -5.64 39.06
CA GLU E 48 24.73 -5.86 38.20
C GLU E 48 24.35 -5.88 36.73
N ILE E 49 23.13 -6.33 36.41
CA ILE E 49 22.69 -6.31 35.02
C ILE E 49 22.41 -4.87 34.56
N LEU E 50 21.75 -4.08 35.42
CA LEU E 50 21.52 -2.67 35.12
C LEU E 50 22.82 -1.92 34.83
N LYS E 51 23.92 -2.34 35.47
CA LYS E 51 25.21 -1.71 35.24
C LYS E 51 25.82 -2.14 33.91
N ILE E 52 25.79 -3.44 33.61
CA ILE E 52 26.40 -3.93 32.37
C ILE E 52 25.63 -3.46 31.16
N VAL E 53 24.31 -3.52 31.21
CA VAL E 53 23.47 -3.35 30.03
C VAL E 53 23.15 -1.87 29.85
N ASP E 54 23.63 -1.30 28.75
CA ASP E 54 23.34 0.11 28.48
C ASP E 54 21.87 0.33 28.16
N GLY E 55 21.24 -0.61 27.46
CA GLY E 55 19.88 -0.45 27.02
C GLY E 55 18.85 -0.80 28.08
N PRO E 56 17.61 -1.04 27.65
CA PRO E 56 16.54 -1.32 28.60
C PRO E 56 16.70 -2.68 29.24
N VAL E 57 16.41 -2.76 30.54
CA VAL E 57 16.40 -4.05 31.24
C VAL E 57 15.12 -4.17 32.05
N SER E 58 14.32 -5.19 31.74
CA SER E 58 13.00 -5.38 32.34
C SER E 58 13.13 -6.17 33.63
N VAL E 59 12.49 -5.67 34.69
CA VAL E 59 12.49 -6.28 36.01
C VAL E 59 11.03 -6.45 36.42
N GLU E 60 10.63 -7.67 36.78
CA GLU E 60 9.23 -7.96 37.07
C GLU E 60 8.88 -7.70 38.53
N VAL E 61 7.74 -7.05 38.75
CA VAL E 61 7.21 -6.91 40.11
C VAL E 61 6.77 -8.28 40.64
N VAL E 62 6.74 -8.39 41.97
CA VAL E 62 6.26 -9.61 42.59
C VAL E 62 4.90 -9.46 43.25
N SER E 63 4.50 -8.25 43.63
CA SER E 63 3.18 -8.07 44.22
C SER E 63 2.10 -8.34 43.17
N THR E 64 1.04 -9.03 43.60
CA THR E 64 -0.09 -9.27 42.73
C THR E 64 -1.14 -8.17 42.82
N LYS E 65 -0.97 -7.21 43.72
CA LYS E 65 -1.98 -6.19 43.99
C LYS E 65 -1.51 -4.82 43.51
N TYR E 66 -2.47 -3.96 43.18
CA TYR E 66 -2.19 -2.66 42.58
C TYR E 66 -1.16 -1.85 43.38
N GLU E 67 -1.44 -1.61 44.67
CA GLU E 67 -0.55 -0.74 45.44
C GLU E 67 0.84 -1.35 45.56
N GLY E 68 0.92 -2.67 45.74
CA GLY E 68 2.21 -3.30 45.80
C GLY E 68 2.98 -3.21 44.49
N MET E 69 2.28 -3.44 43.37
CA MET E 69 2.91 -3.26 42.05
C MET E 69 3.47 -1.86 41.91
N VAL E 70 2.65 -0.86 42.21
CA VAL E 70 3.05 0.53 42.00
C VAL E 70 4.21 0.92 42.93
N GLU E 71 4.13 0.52 44.20
CA GLU E 71 5.25 0.75 45.10
C GLU E 71 6.53 0.07 44.61
N GLU E 72 6.46 -1.23 44.33
CA GLU E 72 7.64 -1.93 43.82
C GLU E 72 8.16 -1.31 42.53
N ALA E 73 7.26 -0.77 41.70
CA ALA E 73 7.68 -0.23 40.41
C ALA E 73 8.55 1.01 40.58
N ARG E 74 8.23 1.85 41.59
CA ARG E 74 9.03 3.04 41.85
C ARG E 74 10.41 2.68 42.39
N LYS E 75 10.48 1.62 43.20
CA LYS E 75 11.79 1.12 43.63
C LYS E 75 12.59 0.63 42.43
N ILE E 76 11.96 -0.19 41.58
CA ILE E 76 12.62 -0.66 40.37
C ILE E 76 13.07 0.52 39.51
N HIS E 77 12.20 1.51 39.34
CA HIS E 77 12.56 2.67 38.52
C HIS E 77 13.77 3.40 39.09
N GLY E 78 13.83 3.55 40.41
CA GLY E 78 14.91 4.29 41.05
C GLY E 78 16.27 3.65 40.90
N LEU E 79 16.32 2.37 40.53
CA LEU E 79 17.60 1.66 40.41
C LEU E 79 18.38 2.07 39.16
N GLY E 80 17.77 2.82 38.25
CA GLY E 80 18.42 3.19 37.02
C GLY E 80 17.45 3.60 35.93
N ASP E 81 17.81 4.63 35.17
CA ASP E 81 16.88 5.16 34.17
C ASP E 81 16.58 4.17 33.05
N ASN E 82 17.40 3.14 32.86
CA ASN E 82 17.15 2.12 31.85
C ASN E 82 16.29 0.97 32.36
N ALA E 83 15.92 0.99 33.64
CA ALA E 83 15.06 -0.06 34.17
C ALA E 83 13.65 0.10 33.62
N VAL E 84 13.06 -1.03 33.23
CA VAL E 84 11.71 -1.08 32.72
C VAL E 84 10.94 -2.03 33.62
N VAL E 85 9.79 -1.59 34.11
CA VAL E 85 9.05 -2.34 35.11
C VAL E 85 8.14 -3.33 34.40
N LYS E 86 8.32 -4.61 34.66
CA LYS E 86 7.51 -5.66 34.07
C LYS E 86 6.29 -5.88 34.95
N ILE E 87 5.13 -5.98 34.32
CA ILE E 87 3.84 -6.07 35.01
C ILE E 87 2.95 -7.05 34.28
N PRO E 88 2.33 -8.00 34.97
CA PRO E 88 1.51 -9.00 34.29
C PRO E 88 0.18 -8.47 33.84
N MET E 89 -0.34 -9.09 32.78
CA MET E 89 -1.64 -8.75 32.22
C MET E 89 -2.75 -9.17 33.18
N THR E 90 -3.08 -8.32 34.17
CA THR E 90 -4.22 -8.51 35.05
C THR E 90 -4.97 -7.19 35.23
N GLU E 91 -6.13 -7.27 35.87
CA GLU E 91 -6.86 -6.06 36.26
C GLU E 91 -5.94 -5.07 36.98
N ASP E 92 -5.35 -5.51 38.09
CA ASP E 92 -4.44 -4.61 38.81
C ASP E 92 -3.25 -4.21 37.95
N GLY E 93 -2.75 -5.11 37.11
CA GLY E 93 -1.60 -4.78 36.28
C GLY E 93 -1.88 -3.63 35.33
N LEU E 94 -3.02 -3.67 34.64
CA LEU E 94 -3.40 -2.57 33.76
C LEU E 94 -3.53 -1.27 34.53
N ARG E 95 -4.25 -1.29 35.67
CA ARG E 95 -4.33 -0.09 36.50
C ARG E 95 -2.95 0.42 36.86
N ALA E 96 -2.04 -0.50 37.22
CA ALA E 96 -0.68 -0.10 37.58
C ALA E 96 0.05 0.47 36.39
N ILE E 97 -0.12 -0.14 35.21
CA ILE E 97 0.55 0.38 34.02
C ILE E 97 0.13 1.82 33.75
N LYS E 98 -1.17 2.10 33.88
CA LYS E 98 -1.68 3.43 33.57
C LYS E 98 -1.12 4.48 34.53
N THR E 99 -1.07 4.15 35.83
CA THR E 99 -0.49 5.08 36.80
C THR E 99 0.99 5.30 36.51
N LEU E 100 1.73 4.22 36.27
CA LEU E 100 3.16 4.35 36.00
C LEU E 100 3.42 5.09 34.69
N SER E 101 2.61 4.84 33.67
N SER E 101 2.61 4.84 33.67
CA SER E 101 2.76 5.58 32.41
CA SER E 101 2.76 5.58 32.41
C SER E 101 2.57 7.08 32.64
C SER E 101 2.56 7.08 32.62
N SER E 102 1.65 7.46 33.54
CA SER E 102 1.47 8.86 33.86
C SER E 102 2.63 9.43 34.66
N GLU E 103 3.35 8.57 35.39
CA GLU E 103 4.56 8.99 36.11
C GLU E 103 5.81 8.85 35.26
N HIS E 104 5.66 8.52 33.97
CA HIS E 104 6.81 8.39 33.05
C HIS E 104 7.75 7.29 33.51
N ILE E 105 7.19 6.19 33.99
CA ILE E 105 7.95 5.00 34.34
C ILE E 105 7.71 3.96 33.26
N ASN E 106 8.77 3.60 32.55
CA ASN E 106 8.66 2.65 31.45
C ASN E 106 8.16 1.30 31.95
N THR E 107 7.24 0.71 31.20
CA THR E 107 6.55 -0.50 31.62
C THR E 107 6.60 -1.55 30.51
N ASN E 108 6.43 -2.80 30.93
CA ASN E 108 6.47 -3.97 30.05
C ASN E 108 5.38 -4.89 30.56
N CYS E 109 4.37 -5.15 29.74
CA CYS E 109 3.27 -6.02 30.14
C CYS E 109 3.50 -7.43 29.62
N THR E 110 3.58 -8.38 30.54
CA THR E 110 4.00 -9.73 30.24
C THR E 110 2.84 -10.71 30.46
N LEU E 111 3.08 -11.98 30.12
CA LEU E 111 2.04 -13.01 30.20
C LEU E 111 0.83 -12.69 29.32
N VAL E 112 1.11 -12.20 28.11
CA VAL E 112 0.12 -11.85 27.12
C VAL E 112 0.01 -13.01 26.13
N PHE E 113 -1.20 -13.52 25.91
CA PHE E 113 -1.35 -14.71 25.07
C PHE E 113 -2.29 -14.57 23.87
N ASN E 114 -2.90 -13.41 23.65
CA ASN E 114 -3.73 -13.16 22.48
C ASN E 114 -3.60 -11.70 22.10
N PRO E 115 -4.12 -11.30 20.93
CA PRO E 115 -3.94 -9.90 20.52
C PRO E 115 -4.78 -8.90 21.29
N ILE E 116 -5.94 -9.28 21.83
CA ILE E 116 -6.76 -8.29 22.51
C ILE E 116 -6.14 -7.92 23.85
N GLN E 117 -5.56 -8.91 24.56
CA GLN E 117 -4.78 -8.60 25.76
C GLN E 117 -3.68 -7.60 25.44
N ALA E 118 -2.99 -7.78 24.31
CA ALA E 118 -1.93 -6.85 23.94
C ALA E 118 -2.48 -5.46 23.65
N LEU E 119 -3.63 -5.38 22.99
CA LEU E 119 -4.27 -4.08 22.77
C LEU E 119 -4.69 -3.45 24.09
N LEU E 120 -5.20 -4.25 25.04
CA LEU E 120 -5.57 -3.68 26.33
C LEU E 120 -4.38 -3.05 27.02
N ALA E 121 -3.22 -3.72 26.97
CA ALA E 121 -2.03 -3.19 27.63
C ALA E 121 -1.55 -1.92 26.94
N ALA E 122 -1.60 -1.89 25.60
CA ALA E 122 -1.24 -0.67 24.88
C ALA E 122 -2.15 0.50 25.26
N LYS E 123 -3.45 0.22 25.43
CA LYS E 123 -4.41 1.27 25.78
C LYS E 123 -4.17 1.82 27.17
N ALA E 124 -3.50 1.04 28.02
CA ALA E 124 -3.13 1.55 29.33
C ALA E 124 -1.83 2.35 29.28
N GLY E 125 -1.16 2.39 28.13
CA GLY E 125 0.04 3.18 27.95
C GLY E 125 1.34 2.43 28.08
N VAL E 126 1.30 1.09 28.04
CA VAL E 126 2.49 0.29 28.31
C VAL E 126 3.57 0.59 27.28
N THR E 127 4.82 0.56 27.72
CA THR E 127 5.91 0.85 26.80
C THR E 127 6.20 -0.34 25.90
N TYR E 128 6.14 -1.56 26.46
CA TYR E 128 6.33 -2.80 25.71
C TYR E 128 5.22 -3.76 26.08
N VAL E 129 4.89 -4.63 25.14
CA VAL E 129 3.98 -5.74 25.38
C VAL E 129 4.71 -7.02 24.97
N SER E 130 4.60 -8.06 25.81
CA SER E 130 5.43 -9.27 25.67
C SER E 130 4.58 -10.53 25.45
N PRO E 131 4.14 -10.78 24.22
CA PRO E 131 3.43 -12.04 23.94
C PRO E 131 4.37 -13.23 23.94
N PHE E 132 3.95 -14.32 24.60
CA PHE E 132 4.77 -15.52 24.79
C PHE E 132 4.48 -16.51 23.64
N VAL E 133 5.33 -16.50 22.61
CA VAL E 133 5.05 -17.36 21.46
C VAL E 133 5.33 -18.84 21.78
N GLY E 134 6.43 -19.12 22.49
CA GLY E 134 6.78 -20.50 22.79
C GLY E 134 5.72 -21.23 23.60
N ARG E 135 5.08 -20.53 24.54
CA ARG E 135 4.09 -21.21 25.36
C ARG E 135 2.80 -21.44 24.61
N LEU E 136 2.51 -20.62 23.60
CA LEU E 136 1.44 -20.96 22.66
C LEU E 136 1.79 -22.18 21.83
N ASP E 137 3.02 -22.22 21.28
CA ASP E 137 3.52 -23.42 20.61
C ASP E 137 3.31 -24.65 21.49
N ASP E 138 3.66 -24.57 22.79
CA ASP E 138 3.55 -25.73 23.68
C ASP E 138 2.13 -26.31 23.71
N ILE E 139 1.11 -25.45 23.60
CA ILE E 139 -0.26 -25.93 23.70
C ILE E 139 -0.92 -26.06 22.34
N GLY E 140 -0.11 -26.25 21.29
CA GLY E 140 -0.63 -26.66 20.00
C GLY E 140 -1.17 -25.54 19.13
N GLU E 141 -0.69 -24.32 19.34
CA GLU E 141 -1.18 -23.14 18.66
C GLU E 141 0.04 -22.39 18.16
N ASP E 142 0.07 -22.07 16.86
CA ASP E 142 1.21 -21.37 16.28
C ASP E 142 1.37 -19.99 16.92
N GLY E 143 2.32 -19.85 17.84
CA GLY E 143 2.43 -18.59 18.57
C GLY E 143 2.66 -17.39 17.68
N MET E 144 3.41 -17.57 16.59
CA MET E 144 3.73 -16.41 15.73
C MET E 144 2.50 -15.77 15.11
N GLN E 145 1.39 -16.52 15.00
N GLN E 145 1.38 -16.50 15.01
CA GLN E 145 0.15 -15.94 14.47
CA GLN E 145 0.18 -15.90 14.42
C GLN E 145 -0.30 -14.76 15.31
C GLN E 145 -0.39 -14.79 15.31
N ILE E 146 -0.20 -14.86 16.64
CA ILE E 146 -0.66 -13.75 17.46
C ILE E 146 0.23 -12.52 17.28
N ILE E 147 1.54 -12.71 17.05
CA ILE E 147 2.42 -11.60 16.72
C ILE E 147 1.95 -10.90 15.44
N ASP E 148 1.56 -11.70 14.44
CA ASP E 148 1.13 -11.11 13.18
C ASP E 148 -0.09 -10.22 13.41
N MET E 149 -1.06 -10.71 14.19
CA MET E 149 -2.27 -9.94 14.39
C MET E 149 -1.99 -8.68 15.21
N ILE E 150 -1.15 -8.79 16.25
CA ILE E 150 -0.79 -7.62 17.04
C ILE E 150 -0.10 -6.56 16.17
N ARG E 151 0.83 -6.97 15.29
CA ARG E 151 1.43 -6.01 14.37
C ARG E 151 0.37 -5.28 13.56
N THR E 152 -0.58 -6.03 12.99
CA THR E 152 -1.64 -5.44 12.18
C THR E 152 -2.48 -4.47 13.02
N ILE E 153 -2.92 -4.92 14.20
CA ILE E 153 -3.71 -4.07 15.09
C ILE E 153 -2.96 -2.80 15.44
N PHE E 154 -1.71 -2.94 15.88
CA PHE E 154 -0.94 -1.76 16.25
C PHE E 154 -0.74 -0.82 15.06
N ASN E 155 -0.54 -1.36 13.86
CA ASN E 155 -0.45 -0.52 12.67
C ASN E 155 -1.77 0.21 12.42
N ASN E 156 -2.89 -0.49 12.55
CA ASN E 156 -4.19 0.13 12.33
C ASN E 156 -4.34 1.42 13.14
N TYR E 157 -3.97 1.39 14.42
CA TYR E 157 -4.25 2.52 15.31
C TYR E 157 -3.02 3.35 15.62
N ILE E 158 -1.92 3.15 14.88
CA ILE E 158 -0.69 3.89 15.07
C ILE E 158 -0.27 3.80 16.54
N ILE E 159 -0.14 2.59 17.06
CA ILE E 159 0.09 2.39 18.49
C ILE E 159 1.60 2.40 18.73
N LYS E 160 2.04 3.15 19.73
CA LYS E 160 3.46 3.32 20.02
C LYS E 160 4.05 2.23 20.92
N THR E 161 3.20 1.43 21.56
CA THR E 161 3.69 0.30 22.35
C THR E 161 4.52 -0.61 21.46
N GLN E 162 5.73 -0.93 21.90
CA GLN E 162 6.59 -1.81 21.10
C GLN E 162 6.20 -3.27 21.32
N ILE E 163 6.15 -4.02 20.23
CA ILE E 163 5.89 -5.45 20.31
C ILE E 163 7.21 -6.15 20.65
N LEU E 164 7.23 -6.84 21.78
CA LEU E 164 8.44 -7.51 22.28
C LEU E 164 8.13 -9.01 22.29
N VAL E 165 8.60 -9.71 21.27
CA VAL E 165 8.34 -11.15 21.18
C VAL E 165 9.13 -11.89 22.25
N ALA E 166 8.43 -12.58 23.13
CA ALA E 166 9.05 -13.29 24.24
C ALA E 166 8.77 -14.79 24.16
N SER E 167 9.34 -15.54 25.09
CA SER E 167 9.22 -17.00 25.05
C SER E 167 9.65 -17.54 23.68
N ILE E 168 10.81 -17.09 23.23
CA ILE E 168 11.37 -17.53 21.96
C ILE E 168 12.15 -18.81 22.17
N ARG E 169 11.96 -19.78 21.27
CA ARG E 169 12.57 -21.10 21.41
C ARG E 169 13.55 -21.46 20.32
N ASN E 170 13.53 -20.80 19.16
CA ASN E 170 14.33 -21.24 18.02
C ASN E 170 14.55 -20.05 17.09
N PRO E 171 15.51 -20.16 16.16
CA PRO E 171 15.76 -19.04 15.22
C PRO E 171 14.62 -18.75 14.25
N ILE E 172 13.64 -19.64 14.10
CA ILE E 172 12.53 -19.30 13.21
C ILE E 172 11.53 -18.39 13.90
N HIS E 173 11.42 -18.48 15.24
CA HIS E 173 10.71 -17.44 15.96
C HIS E 173 11.31 -16.08 15.65
N VAL E 174 12.65 -16.00 15.64
CA VAL E 174 13.31 -14.74 15.34
C VAL E 174 13.07 -14.34 13.88
N LEU E 175 13.28 -15.27 12.94
CA LEU E 175 13.06 -14.97 11.53
C LEU E 175 11.65 -14.43 11.30
N ARG E 176 10.62 -15.15 11.77
CA ARG E 176 9.26 -14.73 11.52
C ARG E 176 8.93 -13.40 12.18
N SER E 177 9.53 -13.11 13.35
CA SER E 177 9.29 -11.83 14.01
C SER E 177 9.86 -10.68 13.18
N ALA E 178 11.03 -10.88 12.57
CA ALA E 178 11.57 -9.83 11.74
C ALA E 178 10.72 -9.62 10.49
N VAL E 179 10.22 -10.70 9.88
CA VAL E 179 9.42 -10.55 8.66
C VAL E 179 8.09 -9.88 8.96
N ILE E 180 7.48 -10.24 10.09
CA ILE E 180 6.28 -9.55 10.55
C ILE E 180 6.58 -8.09 10.85
N GLY E 181 7.75 -7.79 11.37
CA GLY E 181 8.05 -6.43 11.76
C GLY E 181 7.81 -6.13 13.23
N ALA E 182 8.01 -7.11 14.11
CA ALA E 182 7.97 -6.85 15.54
C ALA E 182 9.12 -5.94 15.94
N ASP E 183 8.86 -5.06 16.91
CA ASP E 183 9.87 -4.09 17.30
C ASP E 183 11.06 -4.75 17.99
N VAL E 184 10.82 -5.84 18.72
CA VAL E 184 11.85 -6.43 19.58
C VAL E 184 11.61 -7.93 19.63
N VAL E 185 12.70 -8.68 19.71
CA VAL E 185 12.68 -10.06 20.20
C VAL E 185 13.58 -10.12 21.41
N THR E 186 13.21 -10.96 22.37
CA THR E 186 14.10 -11.32 23.47
C THR E 186 14.35 -12.82 23.42
N VAL E 187 15.62 -13.20 23.47
CA VAL E 187 15.98 -14.57 23.13
C VAL E 187 16.86 -15.17 24.22
N PRO E 188 16.76 -16.47 24.46
CA PRO E 188 17.73 -17.11 25.36
C PRO E 188 19.10 -17.12 24.71
N PHE E 189 20.12 -17.24 25.56
CA PHE E 189 21.51 -17.15 25.11
C PHE E 189 21.81 -18.19 24.04
N ASN E 190 21.34 -19.43 24.24
N ASN E 190 21.35 -19.43 24.23
CA ASN E 190 21.58 -20.48 23.25
CA ASN E 190 21.61 -20.48 23.24
C ASN E 190 20.98 -20.12 21.89
C ASN E 190 20.98 -20.13 21.88
N VAL E 191 19.80 -19.52 21.88
CA VAL E 191 19.22 -19.04 20.62
C VAL E 191 20.08 -17.93 20.02
N LEU E 192 20.53 -17.00 20.86
CA LEU E 192 21.24 -15.82 20.36
C LEU E 192 22.55 -16.20 19.69
N LYS E 193 23.29 -17.13 20.30
CA LYS E 193 24.55 -17.59 19.72
C LYS E 193 24.33 -18.17 18.33
N SER E 194 23.30 -19.00 18.17
CA SER E 194 23.07 -19.66 16.89
C SER E 194 22.76 -18.68 15.77
N LEU E 195 22.29 -17.48 16.09
CA LEU E 195 21.78 -16.57 15.07
C LEU E 195 22.82 -16.18 14.03
N MET E 196 24.10 -16.14 14.39
CA MET E 196 25.13 -15.71 13.46
C MET E 196 25.72 -16.84 12.62
N LYS E 197 25.35 -18.09 12.90
N LYS E 197 25.35 -18.09 12.90
CA LYS E 197 26.05 -19.24 12.35
CA LYS E 197 26.06 -19.25 12.35
C LYS E 197 25.31 -19.82 11.15
C LYS E 197 25.31 -19.84 11.15
N HIS E 198 26.08 -20.32 10.19
CA HIS E 198 25.50 -21.04 9.07
C HIS E 198 26.61 -21.90 8.50
N PRO E 199 26.35 -23.17 8.19
CA PRO E 199 27.44 -24.01 7.66
C PRO E 199 28.06 -23.46 6.37
N LYS E 200 27.32 -22.72 5.55
CA LYS E 200 27.93 -22.20 4.33
C LYS E 200 28.85 -21.02 4.62
N THR E 201 28.68 -20.38 5.76
CA THR E 201 29.63 -19.35 6.18
C THR E 201 30.98 -19.98 6.51
N ASP E 202 30.96 -21.04 7.32
CA ASP E 202 32.20 -21.75 7.66
C ASP E 202 32.86 -22.31 6.42
N GLU E 203 32.08 -22.91 5.53
CA GLU E 203 32.63 -23.43 4.28
C GLU E 203 33.27 -22.31 3.47
N GLY E 204 32.63 -21.14 3.40
CA GLY E 204 33.17 -20.05 2.62
C GLY E 204 34.46 -19.49 3.18
N LEU E 205 34.55 -19.38 4.51
CA LEU E 205 35.80 -18.92 5.12
C LEU E 205 36.95 -19.88 4.81
N ALA E 206 36.70 -21.18 4.86
CA ALA E 206 37.75 -22.14 4.52
C ALA E 206 38.21 -21.97 3.07
N LYS E 207 37.26 -21.74 2.16
CA LYS E 207 37.60 -21.46 0.76
C LYS E 207 38.52 -20.24 0.65
N PHE E 208 38.13 -19.14 1.29
CA PHE E 208 38.93 -17.91 1.25
C PHE E 208 40.32 -18.14 1.82
N LEU E 209 40.40 -18.77 3.00
CA LEU E 209 41.69 -19.04 3.62
C LEU E 209 42.57 -19.85 2.67
N GLU E 210 42.01 -20.91 2.10
N GLU E 210 42.03 -20.91 2.07
CA GLU E 210 42.76 -21.76 1.17
CA GLU E 210 42.84 -21.74 1.19
C GLU E 210 43.29 -20.96 -0.02
C GLU E 210 43.31 -20.96 -0.03
N CYS E 211 42.47 -20.07 -0.57
CA CYS E 211 42.91 -19.23 -1.68
C CYS E 211 43.97 -18.25 -1.24
N TRP E 212 43.81 -17.66 -0.05
CA TRP E 212 44.80 -16.73 0.47
C TRP E 212 46.15 -17.40 0.69
N LYS E 213 46.16 -18.68 1.06
CA LYS E 213 47.41 -19.40 1.27
C LYS E 213 48.17 -19.59 -0.04
N LYS E 214 47.45 -19.69 -1.16
CA LYS E 214 48.13 -19.81 -2.45
C LYS E 214 48.80 -18.52 -2.88
N VAL E 215 48.37 -17.39 -2.33
CA VAL E 215 48.92 -16.09 -2.70
C VAL E 215 49.99 -15.63 -1.72
N SER E 216 49.75 -15.80 -0.42
CA SER E 216 50.65 -15.29 0.61
C SER E 216 50.82 -16.34 1.69
N PRO E 217 51.88 -17.15 1.61
CA PRO E 217 52.18 -18.14 2.65
C PRO E 217 52.51 -17.48 3.98
C1 GOL F . -18.41 -16.79 14.51
O1 GOL F . -17.33 -17.66 14.42
C2 GOL F . -18.10 -15.72 15.58
O2 GOL F . -19.17 -14.85 15.78
C3 GOL F . -16.82 -14.99 15.07
O3 GOL F . -17.25 -13.82 14.41
C ACT G . -5.46 2.32 20.93
O ACT G . -5.63 3.13 19.99
OXT ACT G . -6.12 1.29 21.20
CH3 ACT G . -4.24 2.64 21.86
C1 GOL H . -24.51 -7.46 -8.60
O1 GOL H . -23.81 -6.59 -9.45
C2 GOL H . -25.49 -8.28 -9.47
O2 GOL H . -26.68 -8.55 -8.78
C3 GOL H . -24.72 -9.57 -9.86
O3 GOL H . -24.94 -10.53 -8.84
C ACT I . -31.04 -6.25 -11.15
O ACT I . -31.16 -6.44 -9.95
OXT ACT I . -30.00 -6.25 -11.83
CH3 ACT I . -32.37 -5.97 -11.94
C1 GOL J . -6.98 -6.35 -17.81
O1 GOL J . -6.37 -6.45 -16.55
C2 GOL J . -7.71 -7.70 -18.11
O2 GOL J . -9.09 -7.53 -18.19
C3 GOL J . -7.12 -8.21 -19.44
O3 GOL J . -6.58 -9.52 -19.25
C1 GOL K . -4.03 -9.65 -25.00
O1 GOL K . -2.76 -9.51 -24.42
C2 GOL K . -3.98 -10.77 -26.08
O2 GOL K . -5.18 -10.88 -26.77
C3 GOL K . -3.63 -12.06 -25.29
O3 GOL K . -4.81 -12.80 -25.15
C ACT L . -3.74 -9.55 -32.01
O ACT L . -4.86 -9.81 -31.54
OXT ACT L . -2.65 -9.53 -31.41
CH3 ACT L . -3.71 -9.24 -33.56
C1 GOL M . 15.81 -20.79 -10.39
O1 GOL M . 15.32 -21.60 -11.42
C2 GOL M . 16.96 -19.94 -10.99
O2 GOL M . 17.17 -20.22 -12.34
C3 GOL M . 16.57 -18.47 -10.72
O3 GOL M . 16.39 -18.31 -9.34
C1 GOL N . 6.97 -23.74 13.70
O1 GOL N . 7.50 -24.58 12.71
C2 GOL N . 8.15 -23.27 14.62
O2 GOL N . 7.72 -23.08 15.93
C3 GOL N . 8.66 -21.95 13.98
O3 GOL N . 7.72 -20.95 14.24
C ACT O . 11.40 -25.25 19.59
O ACT O . 10.30 -24.77 19.44
OXT ACT O . 12.33 -25.27 18.78
CH3 ACT O . 11.69 -25.93 20.97
C ACT P . 4.45 -15.23 9.75
O ACT P . 3.61 -15.66 10.58
OXT ACT P . 5.68 -15.52 9.64
CH3 ACT P . 3.90 -14.18 8.73
#